data_4WK6
#
_entry.id   4WK6
#
_cell.length_a   79.904
_cell.length_b   110.337
_cell.length_c   117.482
_cell.angle_alpha   90.000
_cell.angle_beta   90.000
_cell.angle_gamma   90.000
#
_symmetry.space_group_name_H-M   'P 21 21 21'
#
loop_
_entity.id
_entity.type
_entity.pdbx_description
1 polymer '3-oxoacyl-[acyl-carrier protein] reductase'
2 non-polymer 'NADPH DIHYDRO-NICOTINAMIDE-ADENINE-DINUCLEOTIDE PHOSPHATE'
3 non-polymer 'PENTAETHYLENE GLYCOL'
4 water water
#
_entity_poly.entity_id   1
_entity_poly.type   'polypeptide(L)'
_entity_poly.pdbx_seq_one_letter_code
;SNAMSQFMNLEGKVALVTGASRGIGKAIAELLAERGAKVIGTATSESGAQAISDYLGDNGKGMALNVTNPESIEAVLKAI
TDEFGGVDILVNNAGITRDNLLMRMKEEEWSDIMETNLTSIFRLSKAVLRGMMKKRQGRIINVASVVGTMGNAGQANYAA
AKAGVIGFTKSMAREVASRGVTVNTVAPGFIETDMTKALNDEQRTATLAQVPAGRLGDPREIASAVAFLASPEAAYITGE
TLHVNGGMYMI
;
_entity_poly.pdbx_strand_id   A,B,C,D
#
loop_
_chem_comp.id
_chem_comp.type
_chem_comp.name
_chem_comp.formula
1PE non-polymer 'PENTAETHYLENE GLYCOL' 'C10 H22 O6'
NDP non-polymer 'NADPH DIHYDRO-NICOTINAMIDE-ADENINE-DINUCLEOTIDE PHOSPHATE' 'C21 H30 N7 O17 P3'
#
# COMPACT_ATOMS: atom_id res chain seq x y z
N PHE A 7 -28.79 16.59 2.00
CA PHE A 7 -27.81 15.48 2.27
C PHE A 7 -27.49 14.64 1.03
N MET A 8 -26.24 14.74 0.56
CA MET A 8 -25.74 14.04 -0.65
C MET A 8 -26.62 14.31 -1.87
N ASN A 9 -27.06 15.56 -1.97
CA ASN A 9 -27.99 16.01 -3.00
C ASN A 9 -27.15 16.53 -4.15
N LEU A 10 -27.50 16.17 -5.38
CA LEU A 10 -26.76 16.63 -6.57
C LEU A 10 -27.56 17.57 -7.50
N GLU A 11 -28.67 18.11 -7.02
CA GLU A 11 -29.46 19.08 -7.78
C GLU A 11 -28.60 20.16 -8.40
N GLY A 12 -28.85 20.45 -9.68
CA GLY A 12 -28.13 21.49 -10.39
C GLY A 12 -26.77 21.08 -10.93
N LYS A 13 -26.35 19.82 -10.73
CA LYS A 13 -25.05 19.39 -11.19
C LYS A 13 -25.22 18.61 -12.45
N VAL A 14 -24.26 18.75 -13.33
CA VAL A 14 -24.27 18.08 -14.61
C VAL A 14 -23.21 17.01 -14.56
N ALA A 15 -23.63 15.77 -14.83
CA ALA A 15 -22.75 14.63 -14.74
C ALA A 15 -22.63 13.97 -16.08
N LEU A 16 -21.41 13.63 -16.43
CA LEU A 16 -21.15 12.82 -17.59
C LEU A 16 -20.61 11.47 -17.12
N VAL A 17 -21.32 10.40 -17.49
CA VAL A 17 -20.93 9.04 -17.16
C VAL A 17 -20.63 8.32 -18.47
N THR A 18 -19.35 7.96 -18.67
CA THR A 18 -18.97 7.26 -19.89
C THR A 18 -19.27 5.79 -19.75
N GLY A 19 -19.78 5.18 -20.80
CA GLY A 19 -20.00 3.76 -20.81
C GLY A 19 -21.15 3.35 -19.90
N ALA A 20 -22.32 3.93 -20.15
CA ALA A 20 -23.47 3.81 -19.28
C ALA A 20 -24.56 2.91 -19.84
N SER A 21 -24.21 2.03 -20.76
CA SER A 21 -25.21 1.18 -21.37
C SER A 21 -25.79 0.20 -20.41
N ARG A 22 -24.92 -0.39 -19.60
CA ARG A 22 -25.31 -1.56 -18.79
C ARG A 22 -24.51 -1.67 -17.51
N GLY A 23 -24.87 -2.65 -16.69
CA GLY A 23 -24.26 -2.93 -15.41
C GLY A 23 -23.93 -1.70 -14.58
N ILE A 24 -22.65 -1.60 -14.28
CA ILE A 24 -22.15 -0.59 -13.36
C ILE A 24 -22.41 0.81 -13.91
N GLY A 25 -22.02 1.02 -15.16
CA GLY A 25 -22.22 2.31 -15.80
C GLY A 25 -23.68 2.75 -15.70
N LYS A 26 -24.58 1.85 -15.99
CA LYS A 26 -25.99 2.17 -15.97
C LYS A 26 -26.41 2.48 -14.52
N ALA A 27 -26.04 1.63 -13.58
CA ALA A 27 -26.44 1.82 -12.19
C ALA A 27 -26.00 3.20 -11.67
N ILE A 28 -24.79 3.60 -12.07
CA ILE A 28 -24.25 4.88 -11.69
C ILE A 28 -25.11 6.01 -12.30
N ALA A 29 -25.33 5.96 -13.61
CA ALA A 29 -26.10 7.00 -14.24
C ALA A 29 -27.48 7.12 -13.60
N GLU A 30 -28.12 6.00 -13.30
CA GLU A 30 -29.44 6.03 -12.70
C GLU A 30 -29.38 6.65 -11.31
N LEU A 31 -28.39 6.28 -10.51
CA LEU A 31 -28.37 6.78 -9.13
C LEU A 31 -28.07 8.26 -9.11
N LEU A 32 -27.15 8.70 -9.95
CA LEU A 32 -26.88 10.13 -10.03
C LEU A 32 -28.14 10.90 -10.45
N ALA A 33 -28.93 10.36 -11.34
CA ALA A 33 -30.19 11.02 -11.72
C ALA A 33 -31.14 11.06 -10.54
N GLU A 34 -31.21 9.96 -9.78
CA GLU A 34 -32.13 9.87 -8.63
C GLU A 34 -31.74 10.90 -7.57
N ARG A 35 -30.45 11.23 -7.50
CA ARG A 35 -29.98 12.23 -6.52
C ARG A 35 -30.08 13.65 -7.01
N GLY A 36 -30.61 13.85 -8.21
CA GLY A 36 -30.86 15.20 -8.69
C GLY A 36 -29.98 15.69 -9.85
N ALA A 37 -28.97 14.94 -10.25
CA ALA A 37 -28.07 15.41 -11.30
C ALA A 37 -28.77 15.36 -12.63
N LYS A 38 -28.35 16.24 -13.55
CA LYS A 38 -28.69 16.11 -14.95
C LYS A 38 -27.60 15.21 -15.49
N VAL A 39 -27.97 14.09 -16.08
CA VAL A 39 -27.01 13.07 -16.40
C VAL A 39 -26.91 12.82 -17.89
N ILE A 40 -25.69 12.78 -18.39
CA ILE A 40 -25.43 12.39 -19.75
C ILE A 40 -24.63 11.11 -19.71
N GLY A 41 -25.23 10.02 -20.20
CA GLY A 41 -24.55 8.75 -20.33
C GLY A 41 -24.14 8.51 -21.77
N THR A 42 -23.02 7.79 -21.97
CA THR A 42 -22.54 7.52 -23.31
C THR A 42 -22.39 6.04 -23.66
N ALA A 43 -22.52 5.81 -24.96
CA ALA A 43 -22.25 4.52 -25.58
C ALA A 43 -21.47 4.76 -26.86
N THR A 44 -20.97 3.69 -27.44
CA THR A 44 -20.11 3.77 -28.62
C THR A 44 -20.92 3.97 -29.91
N SER A 45 -22.20 3.61 -29.88
CA SER A 45 -23.07 3.71 -31.06
C SER A 45 -24.29 4.57 -30.77
N GLU A 46 -24.95 4.97 -31.84
CA GLU A 46 -26.13 5.82 -31.73
C GLU A 46 -27.30 5.10 -31.06
N SER A 47 -27.48 3.83 -31.38
CA SER A 47 -28.57 3.06 -30.77
C SER A 47 -28.28 2.90 -29.31
N GLY A 48 -27.01 2.70 -28.97
CA GLY A 48 -26.59 2.69 -27.57
C GLY A 48 -27.01 3.97 -26.86
N ALA A 49 -26.77 5.09 -27.50
CA ALA A 49 -27.09 6.38 -26.92
C ALA A 49 -28.60 6.55 -26.76
N GLN A 50 -29.35 5.99 -27.67
CA GLN A 50 -30.80 6.09 -27.61
C GLN A 50 -31.37 5.30 -26.44
N ALA A 51 -30.79 4.13 -26.18
CA ALA A 51 -31.23 3.28 -25.06
C ALA A 51 -30.98 4.00 -23.74
N ILE A 52 -29.84 4.67 -23.66
CA ILE A 52 -29.53 5.46 -22.48
C ILE A 52 -30.57 6.57 -22.31
N SER A 53 -30.90 7.28 -23.40
CA SER A 53 -31.93 8.34 -23.35
C SER A 53 -33.24 7.78 -22.85
N ASP A 54 -33.55 6.57 -23.32
CA ASP A 54 -34.78 5.89 -22.94
C ASP A 54 -34.90 5.64 -21.44
N TYR A 55 -33.81 5.29 -20.77
CA TYR A 55 -33.96 4.97 -19.34
C TYR A 55 -33.80 6.19 -18.46
N LEU A 56 -33.14 7.23 -18.96
CA LEU A 56 -33.00 8.46 -18.19
C LEU A 56 -34.22 9.36 -18.30
N GLY A 57 -34.96 9.24 -19.41
CA GLY A 57 -36.10 10.11 -19.68
C GLY A 57 -35.77 11.56 -19.40
N ASP A 58 -36.52 12.12 -18.46
CA ASP A 58 -36.40 13.53 -18.13
C ASP A 58 -35.14 13.96 -17.43
N ASN A 59 -34.44 13.00 -16.84
CA ASN A 59 -33.31 13.32 -15.98
C ASN A 59 -32.01 13.46 -16.71
N GLY A 60 -32.05 13.29 -18.03
CA GLY A 60 -30.87 13.46 -18.84
C GLY A 60 -31.03 12.93 -20.26
N LYS A 61 -29.91 12.51 -20.83
CA LYS A 61 -29.91 12.00 -22.20
C LYS A 61 -28.64 11.19 -22.48
N GLY A 62 -28.70 10.41 -23.56
CA GLY A 62 -27.57 9.62 -23.99
C GLY A 62 -26.89 10.25 -25.17
N MET A 63 -25.59 10.02 -25.30
CA MET A 63 -24.82 10.47 -26.45
C MET A 63 -23.79 9.43 -26.88
N ALA A 64 -23.48 9.40 -28.16
CA ALA A 64 -22.46 8.53 -28.72
C ALA A 64 -21.10 9.16 -28.50
N LEU A 65 -20.17 8.35 -27.94
CA LEU A 65 -18.82 8.82 -27.65
C LEU A 65 -17.81 7.70 -27.81
N ASN A 66 -16.71 8.00 -28.50
CA ASN A 66 -15.57 7.13 -28.56
C ASN A 66 -14.44 7.84 -27.82
N VAL A 67 -14.05 7.23 -26.68
CA VAL A 67 -13.12 7.89 -25.77
C VAL A 67 -11.68 7.80 -26.27
N THR A 68 -11.44 7.04 -27.33
CA THR A 68 -10.14 7.06 -27.99
C THR A 68 -10.06 8.08 -29.11
N ASN A 69 -11.10 8.88 -29.35
CA ASN A 69 -11.12 9.82 -30.48
C ASN A 69 -11.33 11.26 -30.03
N PRO A 70 -10.26 12.08 -30.13
CA PRO A 70 -10.31 13.48 -29.68
C PRO A 70 -11.46 14.28 -30.25
N GLU A 71 -11.77 14.05 -31.52
CA GLU A 71 -12.85 14.77 -32.19
C GLU A 71 -14.19 14.41 -31.55
N SER A 72 -14.39 13.12 -31.25
CA SER A 72 -15.65 12.67 -30.65
C SER A 72 -15.82 13.30 -29.27
N ILE A 73 -14.73 13.29 -28.52
CA ILE A 73 -14.67 13.94 -27.21
C ILE A 73 -15.05 15.40 -27.31
N GLU A 74 -14.43 16.10 -28.25
CA GLU A 74 -14.68 17.53 -28.36
C GLU A 74 -16.12 17.82 -28.71
N ALA A 75 -16.66 17.06 -29.65
CA ALA A 75 -18.01 17.27 -30.10
C ALA A 75 -18.99 17.03 -28.96
N VAL A 76 -18.74 15.96 -28.20
CA VAL A 76 -19.65 15.58 -27.10
C VAL A 76 -19.63 16.64 -26.00
N LEU A 77 -18.45 17.11 -25.63
CA LEU A 77 -18.37 18.15 -24.63
C LEU A 77 -19.00 19.46 -25.07
N LYS A 78 -18.85 19.82 -26.34
CA LYS A 78 -19.49 21.02 -26.81
C LYS A 78 -21.01 20.86 -26.66
N ALA A 79 -21.51 19.73 -27.10
CA ALA A 79 -22.96 19.54 -27.12
C ALA A 79 -23.50 19.61 -25.70
N ILE A 80 -22.74 19.05 -24.78
CA ILE A 80 -23.16 19.05 -23.40
C ILE A 80 -23.14 20.47 -22.91
N THR A 81 -22.06 21.17 -23.19
CA THR A 81 -21.90 22.51 -22.72
C THR A 81 -23.02 23.39 -23.25
N ASP A 82 -23.33 23.27 -24.53
CA ASP A 82 -24.34 24.15 -25.12
C ASP A 82 -25.68 23.90 -24.47
N GLU A 83 -26.04 22.63 -24.28
CA GLU A 83 -27.38 22.31 -23.88
C GLU A 83 -27.56 22.38 -22.36
N PHE A 84 -26.54 21.96 -21.60
CA PHE A 84 -26.65 21.81 -20.13
C PHE A 84 -25.73 22.71 -19.30
N GLY A 85 -24.68 23.26 -19.91
CA GLY A 85 -23.61 23.93 -19.15
C GLY A 85 -22.50 22.92 -18.92
N GLY A 86 -21.33 23.38 -18.51
CA GLY A 86 -20.18 22.50 -18.35
C GLY A 86 -20.44 21.28 -17.46
N VAL A 87 -19.54 20.32 -17.57
CA VAL A 87 -19.61 19.09 -16.75
C VAL A 87 -19.09 19.39 -15.37
N ASP A 88 -19.90 19.08 -14.35
CA ASP A 88 -19.50 19.22 -12.93
C ASP A 88 -18.95 17.90 -12.37
N ILE A 89 -19.42 16.79 -12.90
CA ILE A 89 -19.08 15.50 -12.42
C ILE A 89 -18.76 14.64 -13.61
N LEU A 90 -17.55 14.13 -13.67
CA LEU A 90 -17.16 13.20 -14.73
C LEU A 90 -16.94 11.85 -14.13
N VAL A 91 -17.67 10.83 -14.58
CA VAL A 91 -17.38 9.44 -14.18
C VAL A 91 -16.81 8.71 -15.35
N ASN A 92 -15.54 8.35 -15.25
CA ASN A 92 -14.90 7.59 -16.32
C ASN A 92 -15.06 6.10 -16.13
N ASN A 93 -15.86 5.44 -16.95
CA ASN A 93 -15.63 3.97 -17.10
C ASN A 93 -14.33 3.60 -17.87
N ALA A 94 -13.44 3.04 -17.06
CA ALA A 94 -12.04 2.84 -17.24
C ALA A 94 -11.86 1.32 -17.04
N GLY A 95 -12.96 0.57 -17.31
CA GLY A 95 -13.13 -0.88 -16.97
C GLY A 95 -13.85 -1.76 -18.03
N ILE A 96 -13.60 -1.37 -19.27
CA ILE A 96 -13.90 -2.17 -20.47
C ILE A 96 -12.76 -3.10 -20.91
N THR A 97 -12.73 -4.31 -20.34
CA THR A 97 -11.69 -5.29 -20.66
C THR A 97 -12.26 -6.71 -20.75
N ARG A 98 -11.57 -7.57 -21.49
CA ARG A 98 -11.82 -9.02 -21.48
C ARG A 98 -10.54 -9.66 -20.90
N ASP A 99 -10.67 -10.80 -20.25
CA ASP A 99 -9.57 -11.39 -19.51
C ASP A 99 -8.47 -11.84 -20.45
N ASN A 100 -7.23 -11.77 -19.99
CA ASN A 100 -6.16 -12.45 -20.71
C ASN A 100 -4.87 -12.41 -19.89
N LEU A 101 -3.96 -13.35 -20.17
CA LEU A 101 -2.65 -13.42 -19.54
C LEU A 101 -1.63 -12.53 -20.22
N LEU A 102 -0.82 -11.87 -19.41
CA LEU A 102 0.31 -11.16 -19.93
C LEU A 102 1.16 -11.96 -20.90
N MET A 103 1.40 -13.26 -20.63
CA MET A 103 2.23 -14.06 -21.54
C MET A 103 1.53 -14.40 -22.87
N ARG A 104 0.21 -14.30 -22.90
CA ARG A 104 -0.58 -14.60 -24.10
C ARG A 104 -0.91 -13.35 -24.96
N MET A 105 -1.07 -12.20 -24.33
CA MET A 105 -1.51 -10.99 -25.01
C MET A 105 -0.42 -10.46 -25.99
N LYS A 106 -0.86 -9.95 -27.11
CA LYS A 106 0.05 -9.35 -28.11
C LYS A 106 0.02 -7.83 -27.91
N GLU A 107 1.01 -7.18 -28.49
CA GLU A 107 1.10 -5.74 -28.39
C GLU A 107 -0.21 -4.95 -28.74
N GLU A 108 -0.99 -5.35 -29.74
CA GLU A 108 -2.25 -4.63 -30.04
C GLU A 108 -3.27 -4.70 -28.89
N GLU A 109 -3.31 -5.83 -28.20
CA GLU A 109 -4.22 -5.91 -27.07
C GLU A 109 -3.71 -4.92 -26.03
N TRP A 110 -2.40 -4.93 -25.79
CA TRP A 110 -1.78 -4.03 -24.80
C TRP A 110 -2.08 -2.57 -25.11
N SER A 111 -1.81 -2.14 -26.32
CA SER A 111 -2.01 -0.73 -26.61
C SER A 111 -3.52 -0.34 -26.69
N ASP A 112 -4.39 -1.22 -27.16
CA ASP A 112 -5.84 -0.93 -27.07
C ASP A 112 -6.31 -0.71 -25.62
N ILE A 113 -5.79 -1.48 -24.69
CA ILE A 113 -6.17 -1.34 -23.29
C ILE A 113 -5.62 -0.04 -22.76
N MET A 114 -4.37 0.24 -23.07
CA MET A 114 -3.80 1.50 -22.67
C MET A 114 -4.61 2.70 -23.20
N GLU A 115 -4.95 2.69 -24.47
CA GLU A 115 -5.69 3.81 -25.06
C GLU A 115 -7.09 3.91 -24.47
N THR A 116 -7.78 2.80 -24.37
CA THR A 116 -9.17 2.84 -23.95
C THR A 116 -9.36 3.07 -22.45
N ASN A 117 -8.46 2.52 -21.64
CA ASN A 117 -8.65 2.51 -20.20
C ASN A 117 -7.84 3.52 -19.46
N LEU A 118 -6.78 4.03 -20.08
CA LEU A 118 -5.82 4.85 -19.37
C LEU A 118 -5.67 6.21 -20.03
N THR A 119 -5.28 6.24 -21.29
CA THR A 119 -5.19 7.51 -22.03
C THR A 119 -6.53 8.23 -22.17
N SER A 120 -7.61 7.47 -22.24
CA SER A 120 -8.94 8.07 -22.21
C SER A 120 -9.21 8.90 -20.95
N ILE A 121 -8.72 8.44 -19.82
CA ILE A 121 -8.86 9.15 -18.55
C ILE A 121 -8.15 10.49 -18.66
N PHE A 122 -6.94 10.46 -19.20
CA PHE A 122 -6.16 11.64 -19.33
C PHE A 122 -6.92 12.64 -20.21
N ARG A 123 -7.40 12.20 -21.37
CA ARG A 123 -8.03 13.14 -22.33
C ARG A 123 -9.31 13.72 -21.79
N LEU A 124 -10.22 12.87 -21.29
CA LEU A 124 -11.49 13.37 -20.80
C LEU A 124 -11.25 14.26 -19.61
N SER A 125 -10.35 13.85 -18.72
CA SER A 125 -10.13 14.62 -17.50
C SER A 125 -9.66 15.99 -17.88
N LYS A 126 -8.67 16.05 -18.76
CA LYS A 126 -8.11 17.35 -19.17
C LYS A 126 -9.17 18.21 -19.88
N ALA A 127 -10.04 17.58 -20.65
CA ALA A 127 -11.07 18.35 -21.35
C ALA A 127 -12.14 18.92 -20.41
N VAL A 128 -12.42 18.33 -19.25
CA VAL A 128 -13.39 18.92 -18.34
C VAL A 128 -12.80 19.81 -17.26
N LEU A 129 -11.49 19.84 -17.13
CA LEU A 129 -10.90 20.48 -15.96
C LEU A 129 -11.00 21.99 -15.88
N ARG A 130 -10.69 22.67 -16.99
CA ARG A 130 -10.79 24.12 -17.07
C ARG A 130 -12.15 24.60 -16.56
N GLY A 131 -13.24 24.04 -17.05
CA GLY A 131 -14.56 24.47 -16.57
C GLY A 131 -14.73 24.27 -15.07
N MET A 132 -14.29 23.13 -14.57
CA MET A 132 -14.42 22.83 -13.19
C MET A 132 -13.61 23.81 -12.34
N MET A 133 -12.38 24.07 -12.74
CA MET A 133 -11.52 24.98 -11.98
C MET A 133 -12.07 26.39 -12.01
N LYS A 134 -12.60 26.83 -13.14
CA LYS A 134 -13.25 28.15 -13.16
C LYS A 134 -14.39 28.23 -12.13
N LYS A 135 -15.19 27.17 -11.98
CA LYS A 135 -16.28 27.18 -10.99
C LYS A 135 -15.81 26.96 -9.59
N ARG A 136 -14.55 26.55 -9.42
CA ARG A 136 -14.00 26.16 -8.09
C ARG A 136 -14.73 24.99 -7.45
N GLN A 137 -15.27 24.10 -8.27
CA GLN A 137 -16.06 22.96 -7.80
C GLN A 137 -16.05 21.92 -8.90
N GLY A 138 -15.68 20.69 -8.56
CA GLY A 138 -15.65 19.59 -9.53
C GLY A 138 -15.38 18.23 -8.92
N ARG A 139 -15.81 17.21 -9.65
CA ARG A 139 -15.63 15.84 -9.26
C ARG A 139 -15.21 15.04 -10.48
N ILE A 140 -14.09 14.34 -10.37
CA ILE A 140 -13.74 13.34 -11.34
C ILE A 140 -13.58 12.01 -10.59
N ILE A 141 -14.26 10.97 -11.07
CA ILE A 141 -14.26 9.65 -10.47
C ILE A 141 -13.98 8.62 -11.53
N ASN A 142 -12.87 7.92 -11.37
CA ASN A 142 -12.51 6.84 -12.27
C ASN A 142 -12.97 5.50 -11.71
N VAL A 143 -13.66 4.72 -12.51
CA VAL A 143 -14.12 3.41 -12.04
C VAL A 143 -13.34 2.35 -12.76
N ALA A 144 -12.65 1.54 -12.02
CA ALA A 144 -11.87 0.47 -12.64
C ALA A 144 -12.83 -0.61 -13.06
N SER A 145 -12.35 -1.51 -13.87
CA SER A 145 -13.15 -2.67 -14.24
C SER A 145 -13.54 -3.57 -13.08
N VAL A 146 -14.68 -4.22 -13.23
CA VAL A 146 -15.07 -5.35 -12.42
C VAL A 146 -14.09 -6.47 -12.61
N VAL A 147 -13.95 -7.27 -11.55
CA VAL A 147 -13.22 -8.52 -11.64
C VAL A 147 -14.24 -9.57 -12.09
N GLY A 148 -13.83 -10.45 -13.01
CA GLY A 148 -14.72 -11.52 -13.54
C GLY A 148 -14.42 -12.90 -12.93
N THR A 149 -14.79 -13.97 -13.65
CA THR A 149 -14.66 -15.35 -13.18
C THR A 149 -13.23 -15.75 -12.83
N MET A 150 -12.24 -15.31 -13.60
CA MET A 150 -10.84 -15.71 -13.43
C MET A 150 -10.05 -14.83 -12.45
N GLY A 151 -10.76 -14.02 -11.69
CA GLY A 151 -10.13 -13.24 -10.65
C GLY A 151 -9.06 -12.29 -11.16
N ASN A 152 -8.16 -11.91 -10.26
CA ASN A 152 -7.04 -11.06 -10.59
C ASN A 152 -6.07 -11.63 -11.57
N ALA A 153 -5.87 -12.93 -11.53
CA ALA A 153 -5.01 -13.62 -12.48
C ALA A 153 -5.47 -13.37 -13.93
N GLY A 154 -6.79 -13.45 -14.13
CA GLY A 154 -7.39 -13.23 -15.45
C GLY A 154 -7.28 -11.82 -16.00
N GLN A 155 -7.01 -10.86 -15.14
CA GLN A 155 -6.95 -9.46 -15.52
C GLN A 155 -5.54 -8.96 -15.49
N ALA A 156 -4.58 -9.86 -15.61
CA ALA A 156 -3.20 -9.44 -15.75
C ALA A 156 -3.04 -8.51 -16.97
N ASN A 157 -3.81 -8.74 -18.02
CA ASN A 157 -3.76 -7.87 -19.18
C ASN A 157 -4.08 -6.38 -18.86
N TYR A 158 -4.96 -6.17 -17.88
CA TYR A 158 -5.43 -4.84 -17.43
C TYR A 158 -4.61 -4.25 -16.30
N ALA A 159 -3.65 -4.99 -15.74
CA ALA A 159 -3.07 -4.59 -14.42
C ALA A 159 -2.25 -3.32 -14.51
N ALA A 160 -1.43 -3.24 -15.54
CA ALA A 160 -0.68 -2.04 -15.79
C ALA A 160 -1.59 -0.81 -16.00
N ALA A 161 -2.62 -0.93 -16.83
CA ALA A 161 -3.53 0.18 -17.04
C ALA A 161 -4.22 0.59 -15.78
N LYS A 162 -4.70 -0.38 -15.04
CA LYS A 162 -5.44 -0.08 -13.83
C LYS A 162 -4.55 0.62 -12.84
N ALA A 163 -3.33 0.10 -12.65
CA ALA A 163 -2.39 0.76 -11.73
C ALA A 163 -2.05 2.17 -12.24
N GLY A 164 -1.93 2.32 -13.55
CA GLY A 164 -1.68 3.62 -14.09
C GLY A 164 -2.81 4.63 -13.79
N VAL A 165 -4.06 4.18 -13.86
CA VAL A 165 -5.20 5.06 -13.60
C VAL A 165 -5.11 5.54 -12.18
N ILE A 166 -4.71 4.64 -11.29
CA ILE A 166 -4.56 5.01 -9.89
C ILE A 166 -3.42 5.98 -9.68
N GLY A 167 -2.29 5.73 -10.34
CA GLY A 167 -1.16 6.69 -10.31
C GLY A 167 -1.54 8.06 -10.86
N PHE A 168 -2.23 8.08 -11.98
CA PHE A 168 -2.71 9.34 -12.55
C PHE A 168 -3.64 10.04 -11.58
N THR A 169 -4.51 9.27 -10.93
CA THR A 169 -5.47 9.84 -10.03
C THR A 169 -4.81 10.58 -8.86
N LYS A 170 -3.84 9.93 -8.23
CA LYS A 170 -3.15 10.55 -7.09
C LYS A 170 -2.41 11.78 -7.52
N SER A 171 -1.76 11.69 -8.66
CA SER A 171 -0.90 12.78 -9.09
C SER A 171 -1.71 13.99 -9.51
N MET A 172 -2.74 13.75 -10.27
CA MET A 172 -3.55 14.82 -10.68
C MET A 172 -4.43 15.44 -9.56
N ALA A 173 -4.88 14.61 -8.62
CA ALA A 173 -5.59 15.14 -7.45
C ALA A 173 -4.78 16.23 -6.80
N ARG A 174 -3.47 16.00 -6.68
CA ARG A 174 -2.57 16.96 -6.04
C ARG A 174 -2.52 18.31 -6.79
N GLU A 175 -2.59 18.30 -8.12
CA GLU A 175 -2.49 19.56 -8.84
C GLU A 175 -3.75 20.39 -8.75
N VAL A 176 -4.90 19.77 -8.58
CA VAL A 176 -6.16 20.50 -8.75
C VAL A 176 -6.95 20.69 -7.48
N ALA A 177 -6.48 20.11 -6.40
CA ALA A 177 -7.21 20.15 -5.14
C ALA A 177 -7.48 21.57 -4.71
N SER A 178 -6.49 22.45 -4.85
CA SER A 178 -6.62 23.78 -4.29
C SER A 178 -7.69 24.54 -5.02
N ARG A 179 -8.14 24.06 -6.18
CA ARG A 179 -9.24 24.71 -6.88
C ARG A 179 -10.59 24.03 -6.75
N GLY A 180 -10.75 23.21 -5.72
CA GLY A 180 -12.08 22.67 -5.41
C GLY A 180 -12.51 21.48 -6.28
N VAL A 181 -11.55 20.86 -6.95
CA VAL A 181 -11.83 19.67 -7.72
C VAL A 181 -11.20 18.45 -7.03
N THR A 182 -11.99 17.40 -6.82
CA THR A 182 -11.44 16.15 -6.28
C THR A 182 -11.35 15.14 -7.40
N VAL A 183 -10.40 14.24 -7.27
CA VAL A 183 -10.16 13.20 -8.24
C VAL A 183 -9.94 11.91 -7.48
N ASN A 184 -10.81 10.92 -7.70
CA ASN A 184 -10.77 9.64 -6.97
C ASN A 184 -11.04 8.44 -7.89
N THR A 185 -10.72 7.24 -7.39
CA THR A 185 -11.00 6.02 -8.10
C THR A 185 -11.87 5.15 -7.22
N VAL A 186 -12.83 4.45 -7.85
CA VAL A 186 -13.54 3.38 -7.22
C VAL A 186 -13.09 2.08 -7.86
N ALA A 187 -12.71 1.13 -7.04
CA ALA A 187 -12.19 -0.18 -7.52
C ALA A 187 -13.13 -1.32 -7.15
N PRO A 188 -14.03 -1.73 -8.07
CA PRO A 188 -14.95 -2.79 -7.73
C PRO A 188 -14.22 -4.12 -7.62
N GLY A 189 -14.77 -5.05 -6.84
CA GLY A 189 -14.34 -6.46 -6.87
C GLY A 189 -15.19 -7.25 -7.82
N PHE A 190 -15.61 -8.44 -7.40
CA PHE A 190 -16.44 -9.32 -8.21
C PHE A 190 -17.90 -8.84 -8.11
N ILE A 191 -18.42 -8.32 -9.21
CA ILE A 191 -19.76 -7.77 -9.23
C ILE A 191 -20.61 -8.67 -10.10
N GLU A 192 -21.87 -8.82 -9.70
CA GLU A 192 -22.84 -9.59 -10.49
C GLU A 192 -23.00 -8.97 -11.88
N THR A 193 -22.73 -9.75 -12.91
CA THR A 193 -22.99 -9.36 -14.29
C THR A 193 -23.83 -10.45 -14.95
N ASP A 194 -24.21 -10.19 -16.18
CA ASP A 194 -24.88 -11.20 -16.98
C ASP A 194 -24.07 -12.50 -17.06
N MET A 195 -22.76 -12.40 -17.20
CA MET A 195 -21.91 -13.60 -17.23
C MET A 195 -21.96 -14.38 -15.92
N THR A 196 -21.89 -13.70 -14.78
CA THR A 196 -21.94 -14.42 -13.52
C THR A 196 -23.31 -15.03 -13.28
N LYS A 197 -24.38 -14.33 -13.67
CA LYS A 197 -25.76 -14.89 -13.53
C LYS A 197 -25.92 -16.24 -14.21
N ALA A 198 -25.19 -16.42 -15.30
CA ALA A 198 -25.34 -17.60 -16.13
C ALA A 198 -24.62 -18.82 -15.60
N LEU A 199 -23.74 -18.65 -14.62
CA LEU A 199 -23.04 -19.77 -14.01
C LEU A 199 -23.96 -20.58 -13.10
N ASN A 200 -23.61 -21.86 -12.91
CA ASN A 200 -24.32 -22.72 -11.95
C ASN A 200 -23.90 -22.40 -10.52
N ASP A 201 -24.65 -22.90 -9.55
CA ASP A 201 -24.40 -22.54 -8.16
C ASP A 201 -23.06 -23.09 -7.63
N GLU A 202 -22.65 -24.26 -8.11
CA GLU A 202 -21.34 -24.78 -7.69
C GLU A 202 -20.23 -23.84 -8.19
N GLN A 203 -20.39 -23.29 -9.39
CA GLN A 203 -19.39 -22.41 -9.98
C GLN A 203 -19.34 -21.05 -9.31
N ARG A 204 -20.51 -20.52 -8.98
CA ARG A 204 -20.60 -19.31 -8.21
C ARG A 204 -19.83 -19.48 -6.89
N THR A 205 -20.13 -20.51 -6.12
CA THR A 205 -19.45 -20.76 -4.84
C THR A 205 -17.95 -20.87 -5.00
N ALA A 206 -17.52 -21.51 -6.07
CA ALA A 206 -16.10 -21.64 -6.31
C ALA A 206 -15.42 -20.29 -6.57
N THR A 207 -16.00 -19.47 -7.42
CA THR A 207 -15.45 -18.14 -7.67
C THR A 207 -15.49 -17.27 -6.39
N LEU A 208 -16.57 -17.37 -5.59
CA LEU A 208 -16.84 -16.72 -4.24
C LEU A 208 -15.90 -17.14 -3.12
N ALA A 209 -15.19 -18.23 -3.32
CA ALA A 209 -14.24 -18.69 -2.30
C ALA A 209 -13.16 -17.66 -2.08
N GLN A 210 -12.95 -16.77 -3.03
CA GLN A 210 -12.00 -15.66 -2.88
C GLN A 210 -12.53 -14.44 -2.07
N VAL A 211 -13.84 -14.41 -1.81
CA VAL A 211 -14.52 -13.25 -1.29
C VAL A 211 -15.05 -13.56 0.11
N PRO A 212 -14.46 -12.95 1.14
CA PRO A 212 -14.96 -13.17 2.48
C PRO A 212 -16.42 -12.87 2.65
N ALA A 213 -16.97 -11.88 1.95
CA ALA A 213 -18.39 -11.56 2.18
C ALA A 213 -19.27 -12.69 1.71
N GLY A 214 -18.73 -13.57 0.87
CA GLY A 214 -19.47 -14.73 0.40
C GLY A 214 -20.60 -14.46 -0.57
N ARG A 215 -20.57 -13.30 -1.22
CA ARG A 215 -21.53 -12.97 -2.28
C ARG A 215 -20.87 -12.00 -3.23
N LEU A 216 -21.43 -11.90 -4.41
CA LEU A 216 -21.02 -10.91 -5.38
C LEU A 216 -21.61 -9.58 -4.98
N GLY A 217 -20.94 -8.51 -5.36
CA GLY A 217 -21.48 -7.16 -5.18
C GLY A 217 -22.55 -6.86 -6.23
N ASP A 218 -23.44 -5.95 -5.90
CA ASP A 218 -24.46 -5.51 -6.84
C ASP A 218 -23.95 -4.27 -7.56
N PRO A 219 -24.30 -4.09 -8.83
CA PRO A 219 -23.92 -2.84 -9.48
C PRO A 219 -24.35 -1.59 -8.70
N ARG A 220 -25.51 -1.62 -8.05
CA ARG A 220 -25.94 -0.46 -7.24
C ARG A 220 -24.97 -0.11 -6.10
N GLU A 221 -24.21 -1.06 -5.64
CA GLU A 221 -23.27 -0.81 -4.57
C GLU A 221 -22.07 -0.04 -5.08
N ILE A 222 -21.67 -0.29 -6.32
CA ILE A 222 -20.65 0.56 -6.92
C ILE A 222 -21.24 1.97 -7.12
N ALA A 223 -22.49 2.03 -7.57
CA ALA A 223 -23.14 3.32 -7.80
C ALA A 223 -23.14 4.17 -6.54
N SER A 224 -23.48 3.55 -5.41
CA SER A 224 -23.46 4.26 -4.14
C SER A 224 -22.12 4.89 -3.81
N ALA A 225 -21.07 4.13 -4.02
CA ALA A 225 -19.77 4.62 -3.72
C ALA A 225 -19.45 5.80 -4.59
N VAL A 226 -19.75 5.69 -5.87
CA VAL A 226 -19.56 6.81 -6.80
C VAL A 226 -20.37 8.05 -6.41
N ALA A 227 -21.65 7.86 -6.14
CA ALA A 227 -22.53 8.96 -5.72
C ALA A 227 -22.02 9.65 -4.46
N PHE A 228 -21.43 8.87 -3.54
CA PHE A 228 -20.93 9.47 -2.31
C PHE A 228 -19.75 10.38 -2.61
N LEU A 229 -18.80 9.88 -3.38
CA LEU A 229 -17.63 10.66 -3.73
C LEU A 229 -18.01 11.88 -4.54
N ALA A 230 -19.07 11.78 -5.33
CA ALA A 230 -19.49 12.87 -6.15
C ALA A 230 -20.21 13.97 -5.38
N SER A 231 -20.58 13.70 -4.14
CA SER A 231 -21.38 14.62 -3.41
C SER A 231 -20.54 15.70 -2.70
N PRO A 232 -21.20 16.79 -2.26
CA PRO A 232 -20.56 17.85 -1.49
C PRO A 232 -19.92 17.34 -0.22
N GLU A 233 -20.50 16.32 0.38
CA GLU A 233 -20.02 15.75 1.60
C GLU A 233 -18.72 14.91 1.45
N ALA A 234 -18.14 14.86 0.27
CA ALA A 234 -16.87 14.21 0.09
C ALA A 234 -15.84 15.16 -0.35
N ALA A 235 -16.03 16.44 -0.03
CA ALA A 235 -15.16 17.48 -0.59
C ALA A 235 -13.71 17.36 -0.12
N TYR A 236 -13.47 16.66 1.00
CA TYR A 236 -12.11 16.58 1.52
C TYR A 236 -11.47 15.26 1.16
N ILE A 237 -12.14 14.48 0.33
CA ILE A 237 -11.60 13.21 -0.10
C ILE A 237 -11.09 13.36 -1.53
N THR A 238 -9.79 13.18 -1.71
CA THR A 238 -9.22 13.25 -3.04
C THR A 238 -7.88 12.51 -3.09
N GLY A 239 -7.57 11.97 -4.27
CA GLY A 239 -6.40 11.14 -4.44
C GLY A 239 -6.62 9.75 -3.89
N GLU A 240 -7.87 9.39 -3.62
CA GLU A 240 -8.17 8.15 -2.91
C GLU A 240 -8.68 7.06 -3.86
N THR A 241 -8.35 5.78 -3.57
CA THR A 241 -8.97 4.62 -4.19
C THR A 241 -9.91 3.98 -3.18
N LEU A 242 -11.19 3.92 -3.50
CA LEU A 242 -12.17 3.37 -2.61
C LEU A 242 -12.51 1.98 -3.16
N HIS A 243 -12.12 0.94 -2.43
CA HIS A 243 -12.33 -0.44 -2.89
C HIS A 243 -13.70 -0.93 -2.40
N VAL A 244 -14.45 -1.54 -3.31
CA VAL A 244 -15.78 -2.05 -3.00
C VAL A 244 -15.79 -3.51 -3.45
N ASN A 245 -15.32 -4.39 -2.56
CA ASN A 245 -14.97 -5.75 -2.97
C ASN A 245 -15.26 -6.83 -1.96
N GLY A 246 -16.04 -6.52 -0.94
CA GLY A 246 -16.45 -7.52 0.04
C GLY A 246 -15.29 -8.17 0.76
N GLY A 247 -14.15 -7.49 0.79
CA GLY A 247 -12.99 -7.97 1.50
C GLY A 247 -12.02 -8.82 0.72
N MET A 248 -12.19 -8.89 -0.59
CA MET A 248 -11.26 -9.70 -1.35
C MET A 248 -9.83 -9.17 -1.23
N TYR A 249 -8.89 -10.06 -1.52
CA TYR A 249 -7.43 -9.83 -1.60
C TYR A 249 -6.68 -10.58 -0.47
N GLN B 6 -35.29 7.04 1.64
CA GLN B 6 -34.73 5.78 2.19
C GLN B 6 -33.19 5.66 2.00
N PHE B 7 -32.52 6.75 1.60
CA PHE B 7 -31.09 6.70 1.20
C PHE B 7 -30.15 7.04 2.36
N MET B 8 -29.22 6.11 2.67
CA MET B 8 -28.29 6.23 3.82
C MET B 8 -29.00 6.54 5.13
N ASN B 9 -30.12 5.88 5.32
CA ASN B 9 -30.99 6.10 6.44
C ASN B 9 -30.59 5.09 7.52
N LEU B 10 -30.50 5.53 8.77
CA LEU B 10 -30.10 4.66 9.86
C LEU B 10 -31.18 4.45 10.91
N GLU B 11 -32.42 4.78 10.58
CA GLU B 11 -33.57 4.50 11.46
C GLU B 11 -33.55 3.08 11.99
N GLY B 12 -33.76 2.94 13.29
CA GLY B 12 -33.81 1.64 13.92
C GLY B 12 -32.46 1.05 14.27
N LYS B 13 -31.36 1.76 14.00
CA LYS B 13 -30.06 1.27 14.34
C LYS B 13 -29.56 1.93 15.61
N VAL B 14 -28.85 1.16 16.42
CA VAL B 14 -28.25 1.62 17.65
C VAL B 14 -26.75 1.75 17.42
N ALA B 15 -26.24 2.94 17.65
CA ALA B 15 -24.84 3.25 17.42
C ALA B 15 -24.16 3.63 18.71
N LEU B 16 -22.96 3.11 18.89
CA LEU B 16 -22.12 3.49 20.00
C LEU B 16 -20.90 4.20 19.45
N VAL B 17 -20.71 5.44 19.88
CA VAL B 17 -19.57 6.24 19.45
C VAL B 17 -18.74 6.55 20.66
N THR B 18 -17.54 6.00 20.70
CA THR B 18 -16.68 6.21 21.85
C THR B 18 -15.98 7.55 21.70
N GLY B 19 -15.87 8.29 22.78
CA GLY B 19 -15.10 9.52 22.75
C GLY B 19 -15.80 10.62 21.98
N ALA B 20 -17.03 10.88 22.38
CA ALA B 20 -17.92 11.76 21.64
C ALA B 20 -18.13 13.15 22.28
N SER B 21 -17.18 13.57 23.10
CA SER B 21 -17.35 14.80 23.85
C SER B 21 -17.21 16.01 22.92
N ARG B 22 -16.28 15.93 21.97
CA ARG B 22 -15.94 17.07 21.15
C ARG B 22 -15.38 16.68 19.77
N GLY B 23 -15.08 17.70 18.96
CA GLY B 23 -14.52 17.55 17.62
C GLY B 23 -15.15 16.44 16.79
N ILE B 24 -14.27 15.54 16.35
CA ILE B 24 -14.65 14.47 15.44
C ILE B 24 -15.71 13.57 16.05
N GLY B 25 -15.45 13.14 17.27
CA GLY B 25 -16.38 12.26 17.96
C GLY B 25 -17.77 12.87 18.04
N LYS B 26 -17.83 14.14 18.42
CA LYS B 26 -19.11 14.78 18.56
C LYS B 26 -19.78 14.88 17.21
N ALA B 27 -19.02 15.31 16.20
CA ALA B 27 -19.62 15.50 14.86
C ALA B 27 -20.22 14.19 14.35
N ILE B 28 -19.53 13.08 14.62
CA ILE B 28 -20.01 11.75 14.24
C ILE B 28 -21.29 11.42 14.97
N ALA B 29 -21.29 11.60 16.27
CA ALA B 29 -22.50 11.24 17.02
C ALA B 29 -23.69 12.05 16.55
N GLU B 30 -23.46 13.33 16.29
CA GLU B 30 -24.56 14.20 15.84
C GLU B 30 -25.08 13.76 14.51
N LEU B 31 -24.18 13.42 13.60
CA LEU B 31 -24.62 13.08 12.25
C LEU B 31 -25.38 11.77 12.25
N LEU B 32 -24.90 10.79 13.03
CA LEU B 32 -25.60 9.53 13.09
C LEU B 32 -27.00 9.73 13.67
N ALA B 33 -27.14 10.60 14.64
CA ALA B 33 -28.47 10.91 15.17
C ALA B 33 -29.34 11.56 14.11
N GLU B 34 -28.78 12.50 13.36
CA GLU B 34 -29.53 13.18 12.31
C GLU B 34 -29.99 12.21 11.23
N ARG B 35 -29.23 11.14 10.97
CA ARG B 35 -29.63 10.13 9.99
C ARG B 35 -30.58 9.08 10.57
N GLY B 36 -31.00 9.22 11.82
CA GLY B 36 -32.00 8.33 12.40
C GLY B 36 -31.55 7.34 13.46
N ALA B 37 -30.24 7.22 13.70
CA ALA B 37 -29.75 6.24 14.65
C ALA B 37 -30.10 6.68 16.05
N LYS B 38 -30.30 5.72 16.94
CA LYS B 38 -30.30 5.95 18.36
C LYS B 38 -28.84 5.88 18.77
N VAL B 39 -28.32 6.94 19.37
CA VAL B 39 -26.89 7.07 19.53
C VAL B 39 -26.51 7.09 21.00
N ILE B 40 -25.48 6.32 21.36
CA ILE B 40 -24.86 6.42 22.68
C ILE B 40 -23.43 6.89 22.50
N GLY B 41 -23.15 8.07 23.01
CA GLY B 41 -21.79 8.64 22.94
C GLY B 41 -21.15 8.51 24.32
N THR B 42 -19.83 8.31 24.37
CA THR B 42 -19.15 8.15 25.64
C THR B 42 -18.05 9.18 25.92
N ALA B 43 -17.86 9.39 27.23
CA ALA B 43 -16.75 10.17 27.74
C ALA B 43 -16.14 9.41 28.89
N THR B 44 -14.99 9.88 29.36
CA THR B 44 -14.29 9.20 30.47
C THR B 44 -14.88 9.55 31.83
N SER B 45 -15.63 10.65 31.94
CA SER B 45 -16.23 11.08 33.22
C SER B 45 -17.74 11.22 33.13
N GLU B 46 -18.40 11.31 34.29
CA GLU B 46 -19.85 11.43 34.34
C GLU B 46 -20.35 12.73 33.81
N SER B 47 -19.63 13.81 34.10
CA SER B 47 -20.02 15.13 33.57
C SER B 47 -19.86 15.15 32.06
N GLY B 48 -18.79 14.51 31.57
CA GLY B 48 -18.65 14.29 30.12
C GLY B 48 -19.87 13.60 29.52
N ALA B 49 -20.34 12.56 30.19
CA ALA B 49 -21.48 11.79 29.71
C ALA B 49 -22.75 12.61 29.74
N GLN B 50 -22.88 13.46 30.74
CA GLN B 50 -24.05 14.33 30.84
C GLN B 50 -24.11 15.38 29.68
N ALA B 51 -22.96 15.93 29.30
CA ALA B 51 -22.88 16.91 28.22
C ALA B 51 -23.28 16.25 26.92
N ILE B 52 -22.84 15.00 26.73
CA ILE B 52 -23.25 14.24 25.57
C ILE B 52 -24.77 14.03 25.54
N SER B 53 -25.36 13.66 26.69
CA SER B 53 -26.82 13.52 26.79
C SER B 53 -27.52 14.81 26.42
N ASP B 54 -26.95 15.92 26.87
CA ASP B 54 -27.50 17.24 26.60
C ASP B 54 -27.59 17.56 25.10
N TYR B 55 -26.58 17.20 24.30
CA TYR B 55 -26.64 17.58 22.89
C TYR B 55 -27.41 16.57 22.03
N LEU B 56 -27.54 15.34 22.50
CA LEU B 56 -28.31 14.35 21.79
C LEU B 56 -29.81 14.44 22.08
N GLY B 57 -30.18 14.97 23.25
CA GLY B 57 -31.56 14.93 23.72
C GLY B 57 -32.27 13.59 23.49
N ASP B 58 -33.36 13.63 22.72
CA ASP B 58 -34.19 12.44 22.46
C ASP B 58 -33.54 11.41 21.54
N ASN B 59 -32.48 11.78 20.84
CA ASN B 59 -31.92 10.88 19.85
C ASN B 59 -30.94 9.89 20.43
N GLY B 60 -30.70 9.97 21.73
CA GLY B 60 -29.81 9.07 22.41
C GLY B 60 -29.44 9.49 23.81
N LYS B 61 -28.25 9.10 24.25
CA LYS B 61 -27.75 9.46 25.57
C LYS B 61 -26.26 9.27 25.67
N GLY B 62 -25.67 9.87 26.70
CA GLY B 62 -24.25 9.74 26.97
C GLY B 62 -23.99 8.77 28.11
N MET B 63 -22.83 8.12 28.07
CA MET B 63 -22.41 7.24 29.16
C MET B 63 -20.93 7.38 29.42
N ALA B 64 -20.55 7.15 30.66
CA ALA B 64 -19.14 7.12 31.04
C ALA B 64 -18.52 5.77 30.68
N LEU B 65 -17.36 5.80 30.04
CA LEU B 65 -16.67 4.61 29.60
C LEU B 65 -15.16 4.82 29.59
N ASN B 66 -14.45 3.85 30.14
CA ASN B 66 -13.01 3.78 30.00
C ASN B 66 -12.68 2.54 29.17
N VAL B 67 -12.12 2.79 27.99
CA VAL B 67 -11.94 1.74 26.99
C VAL B 67 -10.74 0.87 27.34
N THR B 68 -9.97 1.24 28.36
CA THR B 68 -8.92 0.38 28.86
C THR B 68 -9.38 -0.49 30.03
N ASN B 69 -10.67 -0.42 30.40
CA ASN B 69 -11.18 -1.16 31.53
C ASN B 69 -12.30 -2.13 31.11
N PRO B 70 -11.99 -3.44 31.07
CA PRO B 70 -12.98 -4.48 30.74
C PRO B 70 -14.29 -4.38 31.50
N GLU B 71 -14.23 -4.06 32.78
CA GLU B 71 -15.44 -3.95 33.61
C GLU B 71 -16.30 -2.78 33.11
N SER B 72 -15.66 -1.66 32.79
CA SER B 72 -16.38 -0.49 32.30
C SER B 72 -17.06 -0.80 30.96
N ILE B 73 -16.31 -1.46 30.07
CA ILE B 73 -16.83 -1.96 28.80
C ILE B 73 -18.04 -2.85 28.99
N GLU B 74 -17.92 -3.84 29.89
CA GLU B 74 -19.02 -4.73 30.11
C GLU B 74 -20.26 -3.99 30.61
N ALA B 75 -20.07 -3.09 31.57
CA ALA B 75 -21.20 -2.43 32.23
C ALA B 75 -21.92 -1.59 31.21
N VAL B 76 -21.15 -0.91 30.38
CA VAL B 76 -21.72 -0.01 29.40
C VAL B 76 -22.52 -0.80 28.38
N LEU B 77 -21.97 -1.90 27.89
CA LEU B 77 -22.69 -2.69 26.91
C LEU B 77 -23.96 -3.27 27.46
N LYS B 78 -23.94 -3.70 28.71
CA LYS B 78 -25.15 -4.27 29.31
C LYS B 78 -26.22 -3.17 29.36
N ALA B 79 -25.83 -1.99 29.82
CA ALA B 79 -26.78 -0.88 29.97
C ALA B 79 -27.37 -0.49 28.61
N ILE B 80 -26.53 -0.53 27.59
CA ILE B 80 -27.01 -0.22 26.26
C ILE B 80 -27.98 -1.29 25.81
N THR B 81 -27.56 -2.53 25.96
CA THR B 81 -28.40 -3.64 25.55
C THR B 81 -29.74 -3.61 26.25
N ASP B 82 -29.74 -3.38 27.57
CA ASP B 82 -30.99 -3.42 28.33
C ASP B 82 -31.93 -2.35 27.87
N GLU B 83 -31.41 -1.15 27.64
CA GLU B 83 -32.27 -0.01 27.38
C GLU B 83 -32.63 0.15 25.90
N PHE B 84 -31.69 -0.18 25.01
CA PHE B 84 -31.87 0.05 23.57
C PHE B 84 -31.86 -1.17 22.66
N GLY B 85 -31.33 -2.29 23.15
CA GLY B 85 -31.03 -3.44 22.29
C GLY B 85 -29.57 -3.36 21.89
N GLY B 86 -29.05 -4.42 21.34
CA GLY B 86 -27.63 -4.48 21.03
C GLY B 86 -27.11 -3.38 20.14
N VAL B 87 -25.79 -3.26 20.10
CA VAL B 87 -25.15 -2.25 19.27
C VAL B 87 -25.11 -2.77 17.84
N ASP B 88 -25.64 -1.98 16.90
CA ASP B 88 -25.55 -2.27 15.47
C ASP B 88 -24.35 -1.61 14.82
N ILE B 89 -23.95 -0.47 15.35
CA ILE B 89 -22.88 0.31 14.78
C ILE B 89 -21.94 0.72 15.88
N LEU B 90 -20.67 0.34 15.76
CA LEU B 90 -19.67 0.75 16.73
C LEU B 90 -18.68 1.68 16.05
N VAL B 91 -18.50 2.88 16.58
CA VAL B 91 -17.46 3.76 16.09
C VAL B 91 -16.42 3.94 17.16
N ASN B 92 -15.22 3.42 16.92
CA ASN B 92 -14.13 3.51 17.88
C ASN B 92 -13.38 4.77 17.58
N ASN B 93 -13.65 5.83 18.33
CA ASN B 93 -13.00 7.11 18.11
C ASN B 93 -12.14 7.46 19.27
N ALA B 94 -12.38 6.89 20.44
CA ALA B 94 -11.54 7.25 21.61
C ALA B 94 -10.05 6.95 21.40
N GLY B 95 -9.19 7.96 21.61
CA GLY B 95 -7.75 7.76 21.55
C GLY B 95 -6.99 8.91 22.23
N ILE B 96 -5.66 8.78 22.32
CA ILE B 96 -4.78 9.79 22.92
C ILE B 96 -3.47 9.91 22.14
N THR B 97 -2.64 10.89 22.48
CA THR B 97 -1.27 10.93 21.98
C THR B 97 -0.27 11.05 23.14
N ARG B 98 0.95 10.53 22.99
CA ARG B 98 2.00 10.69 23.99
C ARG B 98 3.34 10.87 23.27
N ASP B 99 3.57 12.07 22.70
CA ASP B 99 4.66 12.29 21.75
C ASP B 99 6.03 12.19 22.39
N ASN B 100 7.00 11.70 21.64
CA ASN B 100 8.39 11.70 22.12
C ASN B 100 9.30 10.91 21.15
N LEU B 101 10.54 11.37 21.00
CA LEU B 101 11.53 10.63 20.24
C LEU B 101 11.75 9.32 20.98
N LEU B 102 11.80 8.23 20.20
CA LEU B 102 12.00 6.93 20.75
C LEU B 102 13.20 6.90 21.68
N MET B 103 14.30 7.59 21.37
CA MET B 103 15.48 7.52 22.26
C MET B 103 15.21 8.09 23.66
N ARG B 104 14.10 8.82 23.82
CA ARG B 104 13.62 9.27 25.15
C ARG B 104 12.18 8.80 25.52
N MET B 105 11.45 8.15 24.61
CA MET B 105 10.08 7.68 24.93
C MET B 105 10.05 6.65 26.04
N LYS B 106 9.11 6.78 26.98
CA LYS B 106 9.10 5.92 28.19
C LYS B 106 8.15 4.77 28.00
N GLU B 107 8.47 3.65 28.67
CA GLU B 107 7.64 2.45 28.59
CA GLU B 107 7.67 2.45 28.63
C GLU B 107 6.17 2.83 28.76
N GLU B 108 5.85 3.67 29.73
CA GLU B 108 4.44 3.96 29.99
C GLU B 108 3.76 4.76 28.85
N GLU B 109 4.49 5.63 28.17
CA GLU B 109 3.96 6.35 27.05
C GLU B 109 3.56 5.32 25.96
N TRP B 110 4.51 4.43 25.65
CA TRP B 110 4.27 3.39 24.68
C TRP B 110 3.07 2.52 25.08
N SER B 111 3.04 2.02 26.28
CA SER B 111 1.99 1.11 26.58
C SER B 111 0.64 1.80 26.73
N ASP B 112 0.57 3.00 27.24
CA ASP B 112 -0.71 3.71 27.32
C ASP B 112 -1.33 3.91 25.93
N ILE B 113 -0.49 4.17 24.95
CA ILE B 113 -0.95 4.33 23.58
C ILE B 113 -1.49 2.99 23.08
N MET B 114 -0.70 1.92 23.28
CA MET B 114 -1.13 0.58 22.83
C MET B 114 -2.48 0.26 23.44
N GLU B 115 -2.61 0.48 24.73
CA GLU B 115 -3.81 0.07 25.42
C GLU B 115 -4.99 0.93 24.98
N THR B 116 -4.80 2.22 24.89
CA THR B 116 -5.90 3.12 24.62
C THR B 116 -6.32 3.15 23.16
N ASN B 117 -5.34 3.04 22.26
CA ASN B 117 -5.64 3.22 20.86
C ASN B 117 -5.77 1.93 20.07
N LEU B 118 -5.26 0.80 20.59
CA LEU B 118 -5.16 -0.42 19.80
C LEU B 118 -5.86 -1.58 20.47
N THR B 119 -5.47 -1.90 21.68
CA THR B 119 -6.12 -2.96 22.42
C THR B 119 -7.56 -2.65 22.66
N SER B 120 -7.89 -1.38 22.82
CA SER B 120 -9.30 -0.97 23.02
C SER B 120 -10.18 -1.39 21.82
N ILE B 121 -9.60 -1.32 20.63
CA ILE B 121 -10.31 -1.71 19.41
C ILE B 121 -10.60 -3.22 19.45
N PHE B 122 -9.61 -4.00 19.86
CA PHE B 122 -9.79 -5.40 20.00
C PHE B 122 -10.91 -5.69 20.99
N ARG B 123 -10.85 -5.07 22.16
CA ARG B 123 -11.85 -5.39 23.19
C ARG B 123 -13.26 -4.99 22.84
N LEU B 124 -13.43 -3.74 22.42
CA LEU B 124 -14.77 -3.27 22.06
C LEU B 124 -15.32 -3.99 20.86
N SER B 125 -14.47 -4.21 19.86
CA SER B 125 -14.93 -4.93 18.68
C SER B 125 -15.43 -6.32 19.04
N LYS B 126 -14.65 -7.05 19.82
CA LYS B 126 -15.06 -8.40 20.15
C LYS B 126 -16.35 -8.37 20.95
N ALA B 127 -16.46 -7.42 21.85
CA ALA B 127 -17.61 -7.41 22.72
C ALA B 127 -18.92 -7.14 21.96
N VAL B 128 -18.88 -6.46 20.82
CA VAL B 128 -20.13 -6.22 20.11
C VAL B 128 -20.41 -7.23 19.03
N LEU B 129 -19.44 -8.07 18.71
CA LEU B 129 -19.53 -8.90 17.54
C LEU B 129 -20.64 -9.94 17.59
N ARG B 130 -20.73 -10.63 18.71
CA ARG B 130 -21.71 -11.66 18.90
C ARG B 130 -23.13 -11.17 18.58
N GLY B 131 -23.54 -10.04 19.17
CA GLY B 131 -24.86 -9.52 18.87
C GLY B 131 -25.02 -9.19 17.38
N MET B 132 -23.96 -8.65 16.79
CA MET B 132 -24.01 -8.30 15.36
C MET B 132 -24.14 -9.55 14.47
N MET B 133 -23.37 -10.59 14.77
CA MET B 133 -23.44 -11.80 13.97
C MET B 133 -24.80 -12.46 14.13
N LYS B 134 -25.37 -12.44 15.33
CA LYS B 134 -26.73 -12.96 15.51
C LYS B 134 -27.72 -12.29 14.58
N LYS B 135 -27.62 -10.97 14.44
CA LYS B 135 -28.52 -10.25 13.54
C LYS B 135 -28.14 -10.34 12.07
N ARG B 136 -26.94 -10.86 11.76
CA ARG B 136 -26.42 -10.89 10.37
C ARG B 136 -26.25 -9.49 9.77
N GLN B 137 -26.00 -8.50 10.63
CA GLN B 137 -25.90 -7.12 10.19
C GLN B 137 -25.07 -6.39 11.22
N GLY B 138 -24.01 -5.71 10.79
CA GLY B 138 -23.21 -4.93 11.72
C GLY B 138 -22.20 -4.01 11.03
N ARG B 139 -21.76 -2.99 11.76
CA ARG B 139 -20.81 -2.03 11.27
C ARG B 139 -19.85 -1.69 12.37
N ILE B 140 -18.57 -1.80 12.07
CA ILE B 140 -17.55 -1.35 12.96
C ILE B 140 -16.65 -0.45 12.16
N ILE B 141 -16.44 0.74 12.70
CA ILE B 141 -15.65 1.74 12.05
C ILE B 141 -14.65 2.32 13.04
N ASN B 142 -13.37 2.15 12.73
CA ASN B 142 -12.32 2.72 13.55
C ASN B 142 -11.85 4.04 12.96
N VAL B 143 -11.74 5.07 13.78
CA VAL B 143 -11.29 6.35 13.25
C VAL B 143 -9.92 6.57 13.80
N ALA B 144 -8.95 6.67 12.90
CA ALA B 144 -7.56 6.63 13.26
C ALA B 144 -7.00 7.94 13.00
N SER B 145 -6.88 8.62 14.14
CA SER B 145 -7.19 10.01 14.30
C SER B 145 -6.28 10.92 13.53
N VAL B 146 -6.55 12.16 13.87
CA VAL B 146 -6.07 13.36 13.23
C VAL B 146 -4.55 13.46 13.32
N VAL B 147 -3.94 13.97 12.25
CA VAL B 147 -2.56 14.42 12.32
C VAL B 147 -2.63 15.83 12.94
N GLY B 148 -1.71 16.12 13.86
CA GLY B 148 -1.71 17.40 14.61
C GLY B 148 -0.46 18.21 14.38
N THR B 149 -0.42 19.02 13.33
CA THR B 149 0.78 19.82 13.02
C THR B 149 2.05 18.95 12.82
N MET B 150 1.87 17.73 12.26
CA MET B 150 2.96 16.73 12.13
C MET B 150 3.86 17.02 10.92
N GLN B 155 3.52 12.68 14.42
CA GLN B 155 3.27 12.36 15.84
C GLN B 155 3.71 10.87 16.18
N ALA B 156 4.99 10.69 16.49
CA ALA B 156 5.62 9.41 16.21
C ALA B 156 5.17 8.20 17.05
N ASN B 157 4.90 8.37 18.33
CA ASN B 157 4.47 7.19 19.19
C ASN B 157 3.27 6.37 18.68
N TYR B 158 2.38 7.15 18.12
CA TYR B 158 1.06 6.79 17.65
C TYR B 158 1.07 5.94 16.38
N ALA B 159 2.17 6.01 15.63
CA ALA B 159 2.20 5.39 14.31
C ALA B 159 2.06 3.87 14.39
N ALA B 160 2.77 3.28 15.32
CA ALA B 160 2.66 1.80 15.54
C ALA B 160 1.24 1.39 15.85
N ALA B 161 0.61 2.09 16.79
CA ALA B 161 -0.79 1.76 17.15
C ALA B 161 -1.77 1.98 15.99
N LYS B 162 -1.60 3.07 15.27
CA LYS B 162 -2.47 3.36 14.12
C LYS B 162 -2.33 2.30 13.02
N ALA B 163 -1.07 1.97 12.68
CA ALA B 163 -0.85 0.92 11.71
C ALA B 163 -1.46 -0.40 12.24
N GLY B 164 -1.36 -0.64 13.54
CA GLY B 164 -1.90 -1.87 14.09
C GLY B 164 -3.39 -1.91 13.95
N VAL B 165 -4.05 -0.79 14.17
CA VAL B 165 -5.51 -0.74 14.03
C VAL B 165 -5.88 -1.10 12.59
N ILE B 166 -5.12 -0.57 11.62
CA ILE B 166 -5.38 -0.89 10.22
C ILE B 166 -5.15 -2.38 9.91
N GLY B 167 -4.05 -2.96 10.42
CA GLY B 167 -3.85 -4.38 10.28
C GLY B 167 -4.99 -5.19 10.92
N PHE B 168 -5.39 -4.81 12.11
CA PHE B 168 -6.46 -5.54 12.81
C PHE B 168 -7.72 -5.45 11.98
N THR B 169 -7.95 -4.28 11.38
CA THR B 169 -9.18 -4.06 10.65
C THR B 169 -9.29 -4.99 9.46
N LYS B 170 -8.21 -5.07 8.68
CA LYS B 170 -8.19 -5.93 7.49
C LYS B 170 -8.37 -7.39 7.89
N SER B 171 -7.72 -7.77 8.97
CA SER B 171 -7.71 -9.19 9.34
C SER B 171 -9.05 -9.64 9.93
N MET B 172 -9.59 -8.82 10.79
CA MET B 172 -10.91 -9.09 11.32
C MET B 172 -12.01 -9.05 10.25
N ALA B 173 -11.89 -8.09 9.33
CA ALA B 173 -12.93 -7.96 8.30
C ALA B 173 -13.10 -9.30 7.57
N ARG B 174 -11.97 -9.94 7.26
CA ARG B 174 -11.97 -11.24 6.61
C ARG B 174 -12.70 -12.33 7.39
N GLU B 175 -12.60 -12.34 8.72
CA GLU B 175 -13.29 -13.39 9.51
C GLU B 175 -14.78 -13.18 9.59
N VAL B 176 -15.26 -11.94 9.56
CA VAL B 176 -16.67 -11.71 9.91
C VAL B 176 -17.54 -11.29 8.75
N ALA B 177 -16.92 -11.11 7.58
CA ALA B 177 -17.66 -10.62 6.43
C ALA B 177 -18.83 -11.48 6.04
N SER B 178 -18.65 -12.78 6.12
CA SER B 178 -19.69 -13.66 5.65
C SER B 178 -20.94 -13.60 6.55
N ARG B 179 -20.84 -13.02 7.73
CA ARG B 179 -22.03 -12.83 8.58
C ARG B 179 -22.59 -11.42 8.59
N GLY B 180 -22.28 -10.63 7.54
CA GLY B 180 -22.97 -9.37 7.35
C GLY B 180 -22.40 -8.24 8.18
N VAL B 181 -21.18 -8.40 8.70
CA VAL B 181 -20.57 -7.35 9.48
C VAL B 181 -19.43 -6.81 8.66
N THR B 182 -19.36 -5.48 8.52
CA THR B 182 -18.20 -4.85 7.86
C THR B 182 -17.35 -4.12 8.89
N VAL B 183 -16.06 -4.01 8.60
CA VAL B 183 -15.10 -3.46 9.52
C VAL B 183 -14.20 -2.61 8.68
N ASN B 184 -14.20 -1.30 8.94
CA ASN B 184 -13.40 -0.36 8.18
C ASN B 184 -12.73 0.68 9.05
N THR B 185 -11.80 1.39 8.47
CA THR B 185 -11.15 2.48 9.15
C THR B 185 -11.35 3.75 8.33
N VAL B 186 -11.55 4.87 9.03
CA VAL B 186 -11.45 6.20 8.42
C VAL B 186 -10.21 6.89 8.95
N ALA B 187 -9.40 7.39 8.04
CA ALA B 187 -8.12 8.01 8.39
C ALA B 187 -8.09 9.48 8.10
N PRO B 188 -8.39 10.29 9.10
CA PRO B 188 -8.40 11.73 8.86
C PRO B 188 -7.01 12.28 8.60
N GLY B 189 -6.92 13.37 7.83
CA GLY B 189 -5.67 14.13 7.74
C GLY B 189 -5.69 15.24 8.77
N PHE B 190 -5.35 16.47 8.36
CA PHE B 190 -5.32 17.61 9.26
C PHE B 190 -6.72 18.19 9.39
N ILE B 191 -7.31 18.04 10.56
CA ILE B 191 -8.64 18.50 10.83
C ILE B 191 -8.63 19.62 11.83
N GLU B 192 -9.51 20.58 11.62
CA GLU B 192 -9.68 21.72 12.50
C GLU B 192 -10.23 21.24 13.84
N THR B 193 -9.42 21.39 14.88
CA THR B 193 -9.83 21.09 16.25
C THR B 193 -9.49 22.28 17.16
N ASP B 194 -9.90 22.17 18.41
CA ASP B 194 -9.56 23.15 19.41
C ASP B 194 -8.01 23.32 19.42
N MET B 195 -7.25 22.26 19.22
CA MET B 195 -5.77 22.36 19.22
C MET B 195 -5.22 23.13 18.02
N THR B 196 -5.76 22.91 16.82
CA THR B 196 -5.31 23.70 15.65
C THR B 196 -5.71 25.16 15.81
N LYS B 197 -6.88 25.44 16.36
CA LYS B 197 -7.31 26.85 16.58
C LYS B 197 -6.29 27.64 17.42
N ALA B 198 -5.61 26.96 18.34
CA ALA B 198 -4.66 27.57 19.30
C ALA B 198 -3.21 27.73 18.81
N LEU B 199 -2.95 27.33 17.57
CA LEU B 199 -1.73 27.71 16.84
C LEU B 199 -1.77 29.14 16.32
N ASN B 200 -0.59 29.72 16.10
CA ASN B 200 -0.50 31.03 15.41
C ASN B 200 -0.71 30.90 13.92
N ASP B 201 -0.91 32.03 13.28
CA ASP B 201 -1.22 32.04 11.86
C ASP B 201 -0.05 31.58 10.97
N GLU B 202 1.18 31.89 11.37
CA GLU B 202 2.31 31.39 10.59
C GLU B 202 2.36 29.87 10.64
N GLN B 203 2.02 29.29 11.79
CA GLN B 203 2.03 27.83 11.95
C GLN B 203 0.93 27.15 11.12
N ARG B 204 -0.25 27.73 11.16
CA ARG B 204 -1.36 27.27 10.33
C ARG B 204 -0.96 27.26 8.84
N THR B 205 -0.43 28.37 8.35
CA THR B 205 0.05 28.43 6.97
C THR B 205 1.07 27.35 6.65
N ALA B 206 1.99 27.09 7.57
CA ALA B 206 3.03 26.10 7.34
C ALA B 206 2.42 24.71 7.22
N THR B 207 1.48 24.37 8.10
CA THR B 207 0.78 23.10 7.99
C THR B 207 0.01 22.96 6.70
N LEU B 208 -0.70 23.99 6.33
CA LEU B 208 -1.44 23.91 5.11
C LEU B 208 -0.55 23.74 3.87
N ALA B 209 0.72 24.10 3.95
CA ALA B 209 1.63 23.87 2.82
C ALA B 209 1.76 22.38 2.50
N GLN B 210 1.47 21.52 3.47
CA GLN B 210 1.50 20.07 3.24
C GLN B 210 0.22 19.52 2.58
N VAL B 211 -0.81 20.35 2.48
CA VAL B 211 -2.14 19.92 2.07
C VAL B 211 -2.51 20.57 0.73
N PRO B 212 -2.52 19.80 -0.36
CA PRO B 212 -2.93 20.34 -1.64
C PRO B 212 -4.27 21.05 -1.64
N ALA B 213 -5.26 20.60 -0.88
CA ALA B 213 -6.55 21.29 -0.88
C ALA B 213 -6.42 22.69 -0.29
N GLY B 214 -5.34 22.96 0.44
CA GLY B 214 -5.09 24.30 0.99
C GLY B 214 -5.98 24.74 2.15
N ARG B 215 -6.61 23.79 2.86
CA ARG B 215 -7.43 24.08 4.05
C ARG B 215 -7.45 22.87 4.90
N LEU B 216 -7.83 23.06 6.15
CA LEU B 216 -8.03 21.97 7.08
C LEU B 216 -9.38 21.37 6.80
N GLY B 217 -9.52 20.10 7.13
CA GLY B 217 -10.80 19.46 7.05
C GLY B 217 -11.66 19.87 8.20
N ASP B 218 -12.96 19.72 8.02
CA ASP B 218 -13.91 19.98 9.09
C ASP B 218 -14.28 18.66 9.78
N PRO B 219 -14.50 18.68 11.09
CA PRO B 219 -14.97 17.46 11.74
C PRO B 219 -16.16 16.83 11.06
N ARG B 220 -17.08 17.65 10.51
CA ARG B 220 -18.26 17.10 9.82
C ARG B 220 -17.91 16.27 8.61
N GLU B 221 -16.77 16.57 8.01
CA GLU B 221 -16.36 15.82 6.84
C GLU B 221 -15.88 14.39 7.24
N ILE B 222 -15.29 14.25 8.41
CA ILE B 222 -15.01 12.92 8.91
C ILE B 222 -16.33 12.22 9.26
N ALA B 223 -17.27 12.96 9.83
CA ALA B 223 -18.57 12.38 10.19
C ALA B 223 -19.25 11.80 8.97
N SER B 224 -19.24 12.53 7.86
CA SER B 224 -19.86 12.07 6.59
C SER B 224 -19.29 10.77 6.11
N ALA B 225 -17.98 10.66 6.16
CA ALA B 225 -17.34 9.43 5.75
C ALA B 225 -17.78 8.29 6.65
N VAL B 226 -17.82 8.51 7.95
CA VAL B 226 -18.29 7.50 8.88
C VAL B 226 -19.72 7.10 8.65
N ALA B 227 -20.61 8.09 8.51
CA ALA B 227 -22.03 7.84 8.25
C ALA B 227 -22.24 7.07 6.95
N PHE B 228 -21.42 7.32 5.94
CA PHE B 228 -21.54 6.56 4.71
C PHE B 228 -21.19 5.07 4.94
N LEU B 229 -20.04 4.82 5.55
CA LEU B 229 -19.63 3.47 5.79
C LEU B 229 -20.61 2.74 6.72
N ALA B 230 -21.23 3.49 7.61
CA ALA B 230 -22.19 2.87 8.53
C ALA B 230 -23.53 2.53 7.88
N SER B 231 -23.74 2.99 6.66
CA SER B 231 -25.07 2.84 6.06
C SER B 231 -25.23 1.50 5.35
N PRO B 232 -26.50 1.11 5.06
CA PRO B 232 -26.83 -0.08 4.21
C PRO B 232 -26.15 -0.06 2.85
N GLU B 233 -25.95 1.12 2.30
CA GLU B 233 -25.34 1.29 1.00
C GLU B 233 -23.80 1.06 0.97
N ALA B 234 -23.21 0.72 2.11
CA ALA B 234 -21.80 0.40 2.13
C ALA B 234 -21.59 -1.04 2.52
N ALA B 235 -22.61 -1.87 2.27
CA ALA B 235 -22.58 -3.25 2.74
C ALA B 235 -21.44 -4.06 2.11
N TYR B 236 -20.94 -3.64 0.95
CA TYR B 236 -19.92 -4.46 0.28
C TYR B 236 -18.54 -3.89 0.47
N ILE B 237 -18.45 -2.89 1.34
CA ILE B 237 -17.17 -2.27 1.63
C ILE B 237 -16.71 -2.78 2.97
N THR B 238 -15.59 -3.50 2.98
CA THR B 238 -15.02 -3.95 4.24
C THR B 238 -13.54 -4.18 4.10
N GLY B 239 -12.82 -4.03 5.20
CA GLY B 239 -11.36 -4.17 5.21
C GLY B 239 -10.69 -2.95 4.62
N GLU B 240 -11.45 -1.87 4.52
CA GLU B 240 -10.98 -0.72 3.78
C GLU B 240 -10.53 0.38 4.74
N THR B 241 -9.52 1.14 4.34
CA THR B 241 -9.16 2.41 4.98
C THR B 241 -9.60 3.54 4.02
N LEU B 242 -10.50 4.39 4.48
CA LEU B 242 -10.98 5.52 3.71
C LEU B 242 -10.28 6.77 4.20
N HIS B 243 -9.43 7.34 3.37
CA HIS B 243 -8.65 8.50 3.79
C HIS B 243 -9.40 9.78 3.49
N VAL B 244 -9.40 10.70 4.43
CA VAL B 244 -10.11 11.96 4.27
C VAL B 244 -9.13 13.05 4.64
N ASN B 245 -8.32 13.49 3.68
CA ASN B 245 -7.15 14.29 4.00
C ASN B 245 -6.77 15.38 2.98
N GLY B 246 -7.68 15.71 2.08
CA GLY B 246 -7.46 16.79 1.13
C GLY B 246 -6.23 16.60 0.26
N GLY B 247 -5.80 15.34 0.11
CA GLY B 247 -4.71 15.00 -0.81
C GLY B 247 -3.36 14.96 -0.15
N MET B 248 -3.33 15.06 1.17
CA MET B 248 -2.06 15.11 1.86
C MET B 248 -1.25 13.80 1.78
N TYR B 249 0.07 13.96 1.68
CA TYR B 249 1.09 12.91 1.39
C TYR B 249 1.64 13.06 -0.03
N GLN C 6 35.64 -6.77 -0.71
CA GLN C 6 35.07 -5.74 0.22
C GLN C 6 33.55 -5.59 0.08
N PHE C 7 32.87 -6.49 -0.63
CA PHE C 7 31.46 -6.30 -0.98
C PHE C 7 30.55 -6.98 0.04
N MET C 8 29.62 -6.20 0.61
CA MET C 8 28.67 -6.67 1.65
C MET C 8 29.37 -7.37 2.77
N ASN C 9 30.49 -6.80 3.17
CA ASN C 9 31.34 -7.35 4.16
C ASN C 9 30.95 -6.74 5.50
N LEU C 10 30.87 -7.56 6.57
CA LEU C 10 30.46 -7.06 7.87
C LEU C 10 31.54 -7.14 8.91
N GLU C 11 32.78 -7.36 8.50
CA GLU C 11 33.92 -7.35 9.42
C GLU C 11 33.92 -6.17 10.36
N GLY C 12 34.14 -6.45 11.63
CA GLY C 12 34.19 -5.43 12.66
C GLY C 12 32.83 -5.00 13.20
N LYS C 13 31.73 -5.58 12.70
CA LYS C 13 30.41 -5.19 13.19
C LYS C 13 29.90 -6.23 14.17
N VAL C 14 29.18 -5.77 15.17
CA VAL C 14 28.60 -6.61 16.19
C VAL C 14 27.12 -6.68 15.96
N ALA C 15 26.60 -7.90 15.82
CA ALA C 15 25.19 -8.12 15.49
C ALA C 15 24.50 -8.87 16.56
N LEU C 16 23.30 -8.44 16.90
CA LEU C 16 22.48 -9.15 17.87
C LEU C 16 21.26 -9.64 17.13
N VAL C 17 21.05 -10.95 17.13
CA VAL C 17 19.94 -11.59 16.49
C VAL C 17 19.11 -12.28 17.54
N THR C 18 17.92 -11.76 17.77
CA THR C 18 17.08 -12.34 18.80
C THR C 18 16.36 -13.54 18.26
N GLY C 19 16.24 -14.59 19.07
CA GLY C 19 15.50 -15.78 18.65
C GLY C 19 16.20 -16.58 17.55
N ALA C 20 17.44 -16.98 17.83
CA ALA C 20 18.31 -17.56 16.84
C ALA C 20 18.49 -19.05 16.98
N SER C 21 17.60 -19.73 17.69
CA SER C 21 17.78 -21.14 17.97
C SER C 21 17.67 -21.98 16.70
N ARG C 22 16.73 -21.62 15.84
CA ARG C 22 16.38 -22.45 14.70
C ARG C 22 15.79 -21.63 13.53
N GLY C 23 15.49 -22.33 12.45
CA GLY C 23 14.92 -21.79 11.25
C GLY C 23 15.56 -20.49 10.79
N ILE C 24 14.67 -19.49 10.64
CA ILE C 24 15.07 -18.20 10.14
C ILE C 24 16.12 -17.53 10.98
N GLY C 25 15.82 -17.48 12.29
CA GLY C 25 16.77 -16.85 13.23
C GLY C 25 18.17 -17.46 13.09
N LYS C 26 18.22 -18.76 13.01
CA LYS C 26 19.53 -19.42 12.97
C LYS C 26 20.22 -19.11 11.65
N ALA C 27 19.48 -19.17 10.56
CA ALA C 27 20.05 -18.90 9.25
C ALA C 27 20.66 -17.55 9.19
N ILE C 28 19.97 -16.60 9.83
CA ILE C 28 20.42 -15.20 9.85
C ILE C 28 21.69 -15.08 10.63
N ALA C 29 21.69 -15.63 11.84
CA ALA C 29 22.89 -15.57 12.66
C ALA C 29 24.08 -16.21 11.95
N GLU C 30 23.86 -17.34 11.28
CA GLU C 30 24.96 -18.01 10.58
C GLU C 30 25.49 -17.18 9.44
N LEU C 31 24.58 -16.57 8.69
CA LEU C 31 25.02 -15.82 7.50
C LEU C 31 25.76 -14.57 7.93
N LEU C 32 25.28 -13.91 8.98
CA LEU C 32 25.96 -12.72 9.43
C LEU C 32 27.36 -13.06 9.90
N ALA C 33 27.51 -14.22 10.51
CA ALA C 33 28.84 -14.66 10.92
C ALA C 33 29.70 -14.92 9.71
N GLU C 34 29.13 -15.57 8.72
CA GLU C 34 29.88 -15.91 7.50
C GLU C 34 30.35 -14.65 6.77
N ARG C 35 29.59 -13.56 6.89
CA ARG C 35 30.00 -12.30 6.29
C ARG C 35 30.95 -11.46 7.16
N GLY C 36 31.36 -11.97 8.32
CA GLY C 36 32.36 -11.31 9.14
C GLY C 36 31.90 -10.68 10.44
N ALA C 37 30.61 -10.66 10.72
CA ALA C 37 30.12 -10.02 11.94
C ALA C 37 30.44 -10.88 13.11
N LYS C 38 30.60 -10.23 14.26
CA LYS C 38 30.64 -10.91 15.52
C LYS C 38 29.21 -11.00 15.94
N VAL C 39 28.71 -12.22 16.15
CA VAL C 39 27.26 -12.39 16.29
C VAL C 39 26.86 -12.90 17.64
N ILE C 40 25.85 -12.30 18.22
CA ILE C 40 25.25 -12.77 19.42
C ILE C 40 23.83 -13.17 19.09
N GLY C 41 23.53 -14.46 19.23
CA GLY C 41 22.19 -14.97 19.04
C GLY C 41 21.57 -15.28 20.40
N THR C 42 20.25 -15.13 20.50
CA THR C 42 19.56 -15.42 21.75
C THR C 42 18.50 -16.50 21.72
N ALA C 43 18.30 -17.09 22.91
CA ALA C 43 17.22 -17.99 23.17
C ALA C 43 16.66 -17.68 24.55
N THR C 44 15.51 -18.28 24.85
CA THR C 44 14.80 -17.98 26.12
C THR C 44 15.40 -18.70 27.31
N SER C 45 16.18 -19.76 27.09
CA SER C 45 16.80 -20.56 28.18
C SER C 45 18.31 -20.61 28.04
N GLU C 46 18.99 -21.00 29.11
CA GLU C 46 20.45 -21.13 29.08
C GLU C 46 20.93 -22.22 28.14
N SER C 47 20.26 -23.36 28.13
CA SER C 47 20.66 -24.45 27.23
C SER C 47 20.44 -24.02 25.76
N GLY C 48 19.36 -23.29 25.52
CA GLY C 48 19.18 -22.61 24.20
C GLY C 48 20.36 -21.75 23.79
N ALA C 49 20.83 -20.96 24.73
CA ALA C 49 21.96 -20.07 24.49
C ALA C 49 23.23 -20.86 24.24
N GLN C 50 23.37 -21.97 24.91
CA GLN C 50 24.56 -22.80 24.73
C GLN C 50 24.60 -23.44 23.32
N ALA C 51 23.45 -23.85 22.83
CA ALA C 51 23.34 -24.47 21.50
C ALA C 51 23.72 -23.42 20.43
N ILE C 52 23.29 -22.19 20.64
CA ILE C 52 23.68 -21.11 19.76
C ILE C 52 25.20 -20.89 19.81
N SER C 53 25.80 -20.92 20.99
CA SER C 53 27.27 -20.79 21.12
C SER C 53 27.96 -21.91 20.35
N ASP C 54 27.38 -23.09 20.43
CA ASP C 54 27.92 -24.26 19.77
C ASP C 54 27.99 -24.10 18.23
N TYR C 55 27.00 -23.46 17.61
CA TYR C 55 27.06 -23.34 16.16
C TYR C 55 27.81 -22.08 15.65
N LEU C 56 27.98 -21.08 16.50
CA LEU C 56 28.74 -19.92 16.16
C LEU C 56 30.23 -20.05 16.44
N GLY C 57 30.60 -20.91 17.37
CA GLY C 57 31.98 -21.00 17.81
C GLY C 57 32.66 -19.65 18.01
N ASP C 58 33.78 -19.43 17.32
CA ASP C 58 34.58 -18.23 17.51
C ASP C 58 33.97 -16.98 16.85
N ASN C 59 32.94 -17.14 16.03
CA ASN C 59 32.31 -16.00 15.37
C ASN C 59 31.30 -15.27 16.23
N GLY C 60 31.06 -15.76 17.45
CA GLY C 60 30.19 -15.11 18.40
C GLY C 60 29.87 -15.93 19.61
N LYS C 61 28.67 -15.77 20.11
CA LYS C 61 28.19 -16.54 21.24
C LYS C 61 26.67 -16.43 21.38
N GLY C 62 26.10 -17.33 22.16
CA GLY C 62 24.68 -17.28 22.48
C GLY C 62 24.43 -16.71 23.87
N MET C 63 23.26 -16.10 24.04
CA MET C 63 22.84 -15.57 25.34
C MET C 63 21.37 -15.80 25.59
N ALA C 64 21.00 -16.00 26.86
CA ALA C 64 19.62 -16.11 27.26
C ALA C 64 18.99 -14.71 27.36
N LEU C 65 17.81 -14.55 26.73
CA LEU C 65 17.12 -13.29 26.70
C LEU C 65 15.61 -13.48 26.61
N ASN C 66 14.90 -12.74 27.43
CA ASN C 66 13.45 -12.63 27.32
C ASN C 66 13.12 -11.18 26.94
N VAL C 67 12.54 -11.04 25.74
CA VAL C 67 12.37 -9.72 25.13
C VAL C 67 11.16 -9.01 25.73
N THR C 68 10.41 -9.68 26.57
CA THR C 68 9.37 -9.02 27.33
C THR C 68 9.83 -8.56 28.71
N ASN C 69 11.12 -8.72 29.04
CA ASN C 69 11.62 -8.37 30.36
C ASN C 69 12.75 -7.35 30.28
N PRO C 70 12.47 -6.10 30.66
CA PRO C 70 13.46 -5.01 30.67
C PRO C 70 14.77 -5.37 31.33
N GLU C 71 14.72 -6.08 32.47
CA GLU C 71 15.91 -6.43 33.20
C GLU C 71 16.76 -7.38 32.36
N SER C 72 16.10 -8.35 31.72
CA SER C 72 16.82 -9.30 30.89
C SER C 72 17.50 -8.57 29.73
N ILE C 73 16.75 -7.66 29.11
CA ILE C 73 17.27 -6.81 28.02
C ILE C 73 18.50 -6.05 28.49
N GLU C 74 18.39 -5.42 29.65
CA GLU C 74 19.48 -4.59 30.15
C GLU C 74 20.70 -5.43 30.40
N ALA C 75 20.51 -6.58 31.01
CA ALA C 75 21.66 -7.43 31.41
C ALA C 75 22.36 -7.92 30.15
N VAL C 76 21.57 -8.30 29.15
CA VAL C 76 22.13 -8.81 27.92
C VAL C 76 22.93 -7.74 27.19
N LEU C 77 22.38 -6.55 27.09
CA LEU C 77 23.10 -5.49 26.41
C LEU C 77 24.38 -5.13 27.10
N LYS C 78 24.36 -5.12 28.45
CA LYS C 78 25.57 -4.74 29.19
C LYS C 78 26.65 -5.78 28.90
N ALA C 79 26.27 -7.04 28.93
CA ALA C 79 27.21 -8.12 28.68
C ALA C 79 27.80 -8.04 27.27
N ILE C 80 26.96 -7.68 26.32
CA ILE C 80 27.42 -7.54 24.96
C ILE C 80 28.38 -6.38 24.86
N THR C 81 27.98 -5.26 25.43
CA THR C 81 28.79 -4.07 25.37
C THR C 81 30.15 -4.30 26.01
N ASP C 82 30.17 -4.92 27.18
CA ASP C 82 31.41 -5.09 27.90
C ASP C 82 32.36 -5.96 27.11
N GLU C 83 31.84 -7.03 26.52
CA GLU C 83 32.70 -8.02 25.93
C GLU C 83 33.06 -7.67 24.49
N PHE C 84 32.10 -7.10 23.73
CA PHE C 84 32.24 -6.93 22.27
C PHE C 84 32.18 -5.49 21.79
N GLY C 85 31.66 -4.58 22.61
CA GLY C 85 31.40 -3.23 22.17
C GLY C 85 29.92 -3.17 21.77
N GLY C 86 29.38 -1.98 21.61
CA GLY C 86 27.96 -1.84 21.34
C GLY C 86 27.47 -2.64 20.15
N VAL C 87 26.16 -2.79 20.10
CA VAL C 87 25.51 -3.46 18.99
C VAL C 87 25.46 -2.52 17.78
N ASP C 88 25.98 -2.97 16.65
CA ASP C 88 25.89 -2.25 15.37
C ASP C 88 24.68 -2.67 14.52
N ILE C 89 24.28 -3.93 14.67
CA ILE C 89 23.24 -4.50 13.90
C ILE C 89 22.30 -5.22 14.82
N LEU C 90 21.04 -4.81 14.84
CA LEU C 90 20.05 -5.50 15.62
C LEU C 90 19.06 -6.18 14.69
N VAL C 91 18.87 -7.50 14.81
CA VAL C 91 17.82 -8.18 14.08
C VAL C 91 16.79 -8.70 15.03
N ASN C 92 15.62 -8.09 15.00
CA ASN C 92 14.55 -8.50 15.87
C ASN C 92 13.82 -9.62 15.20
N ASN C 93 14.09 -10.86 15.59
CA ASN C 93 13.42 -12.00 15.00
C ASN C 93 12.61 -12.76 16.04
N ALA C 94 12.83 -12.56 17.32
CA ALA C 94 12.01 -13.30 18.28
C ALA C 94 10.55 -12.96 18.15
N GLY C 95 9.70 -13.98 18.05
CA GLY C 95 8.25 -13.71 18.06
C GLY C 95 7.52 -15.00 18.34
N ILE C 96 6.22 -14.92 18.47
CA ILE C 96 5.37 -16.07 18.73
C ILE C 96 4.05 -15.95 17.96
N THR C 97 3.22 -17.00 17.98
CA THR C 97 1.87 -16.89 17.46
C THR C 97 0.90 -17.41 18.51
N ARG C 98 -0.32 -16.88 18.50
CA ARG C 98 -1.40 -17.36 19.33
C ARG C 98 -2.69 -17.25 18.52
N ASP C 99 -2.81 -18.10 17.50
CA ASP C 99 -3.89 -18.03 16.56
C ASP C 99 -5.19 -18.41 17.20
N ASN C 100 -6.27 -17.78 16.77
CA ASN C 100 -7.60 -18.20 17.19
C ASN C 100 -8.59 -17.28 16.47
N LEU C 101 -9.82 -17.73 16.34
CA LEU C 101 -10.84 -16.87 15.83
C LEU C 101 -11.03 -15.77 16.82
N LEU C 102 -11.21 -14.58 16.29
CA LEU C 102 -11.57 -13.47 17.12
C LEU C 102 -12.72 -13.76 18.08
N MET C 103 -13.75 -14.47 17.64
CA MET C 103 -14.90 -14.68 18.52
C MET C 103 -14.52 -15.46 19.79
N ARG C 104 -13.42 -16.18 19.73
CA ARG C 104 -12.94 -17.01 20.87
C ARG C 104 -11.70 -16.45 21.48
N MET C 105 -11.05 -15.48 20.86
CA MET C 105 -9.72 -15.06 21.30
C MET C 105 -9.71 -14.49 22.70
N LYS C 106 -8.73 -14.90 23.50
CA LYS C 106 -8.69 -14.52 24.90
C LYS C 106 -7.74 -13.33 25.15
N GLU C 107 -8.05 -12.54 26.16
CA GLU C 107 -7.23 -11.36 26.54
C GLU C 107 -5.74 -11.69 26.50
N GLU C 108 -5.38 -12.82 27.06
CA GLU C 108 -3.95 -13.16 27.14
C GLU C 108 -3.34 -13.46 25.77
N GLU C 109 -4.10 -14.03 24.85
CA GLU C 109 -3.61 -14.30 23.52
C GLU C 109 -3.35 -13.04 22.73
N TRP C 110 -4.20 -12.05 22.95
CA TRP C 110 -3.92 -10.71 22.44
C TRP C 110 -2.71 -10.06 23.09
N SER C 111 -2.69 -9.95 24.40
CA SER C 111 -1.64 -9.15 25.00
C SER C 111 -0.25 -9.82 24.93
N ASP C 112 -0.18 -11.14 25.00
CA ASP C 112 1.12 -11.78 24.80
C ASP C 112 1.74 -11.50 23.42
N ILE C 113 0.90 -11.44 22.39
CA ILE C 113 1.35 -11.14 21.05
C ILE C 113 1.84 -9.68 20.96
N MET C 114 1.05 -8.76 21.50
CA MET C 114 1.49 -7.35 21.54
C MET C 114 2.84 -7.21 22.23
N GLU C 115 2.97 -7.84 23.38
CA GLU C 115 4.19 -7.67 24.17
C GLU C 115 5.39 -8.33 23.50
N THR C 116 5.21 -9.53 23.01
CA THR C 116 6.31 -10.28 22.45
C THR C 116 6.72 -9.85 21.05
N ASN C 117 5.74 -9.46 20.22
CA ASN C 117 6.01 -9.20 18.83
C ASN C 117 6.07 -7.74 18.46
N LEU C 118 5.54 -6.85 19.30
CA LEU C 118 5.51 -5.44 18.97
C LEU C 118 6.25 -4.56 19.98
N THR C 119 5.84 -4.61 21.23
CA THR C 119 6.52 -3.84 22.26
C THR C 119 7.98 -4.20 22.37
N SER C 120 8.30 -5.45 22.09
CA SER C 120 9.69 -5.90 22.18
C SER C 120 10.57 -5.14 21.20
N ILE C 121 10.00 -4.83 20.04
CA ILE C 121 10.71 -4.08 19.00
C ILE C 121 11.00 -2.69 19.49
N PHE C 122 9.99 -2.10 20.13
CA PHE C 122 10.20 -0.80 20.71
C PHE C 122 11.34 -0.84 21.74
N ARG C 123 11.27 -1.78 22.68
CA ARG C 123 12.25 -1.79 23.77
C ARG C 123 13.66 -2.04 23.26
N LEU C 124 13.84 -3.07 22.45
CA LEU C 124 15.18 -3.42 22.00
C LEU C 124 15.73 -2.35 21.10
N SER C 125 14.87 -1.78 20.25
CA SER C 125 15.33 -0.74 19.36
C SER C 125 15.83 0.45 20.19
N LYS C 126 15.04 0.89 21.18
CA LYS C 126 15.45 2.06 21.98
C LYS C 126 16.73 1.76 22.72
N ALA C 127 16.89 0.55 23.19
CA ALA C 127 18.07 0.25 23.97
C ALA C 127 19.35 0.20 23.13
N VAL C 128 19.28 -0.03 21.82
CA VAL C 128 20.51 0.01 21.04
C VAL C 128 20.76 1.32 20.32
N LEU C 129 19.79 2.21 20.33
CA LEU C 129 19.88 3.36 19.43
C LEU C 129 20.94 4.41 19.76
N ARG C 130 21.02 4.76 21.04
CA ARG C 130 22.03 5.72 21.49
C ARG C 130 23.42 5.31 20.98
N GLY C 131 23.82 4.07 21.18
CA GLY C 131 25.16 3.67 20.74
C GLY C 131 25.31 3.86 19.24
N MET C 132 24.28 3.48 18.51
CA MET C 132 24.34 3.54 17.06
C MET C 132 24.42 4.98 16.57
N MET C 133 23.61 5.85 17.17
CA MET C 133 23.69 7.26 16.81
C MET C 133 25.03 7.90 17.20
N LYS C 134 25.62 7.54 18.34
CA LYS C 134 26.97 8.03 18.68
C LYS C 134 27.98 7.64 17.58
N LYS C 135 27.88 6.44 17.05
CA LYS C 135 28.80 6.02 15.98
C LYS C 135 28.42 6.56 14.60
N ARG C 136 27.22 7.12 14.46
CA ARG C 136 26.69 7.58 13.16
C ARG C 136 26.55 6.45 12.15
N GLN C 137 26.28 5.25 12.64
CA GLN C 137 26.23 4.05 11.80
C GLN C 137 25.42 3.02 12.57
N GLY C 138 24.38 2.48 11.94
CA GLY C 138 23.57 1.43 12.58
C GLY C 138 22.59 0.77 11.63
N ARG C 139 22.15 -0.42 12.01
CA ARG C 139 21.15 -1.17 11.24
C ARG C 139 20.21 -1.84 12.23
N ILE C 140 18.94 -1.59 12.05
CA ILE C 140 17.93 -2.32 12.75
C ILE C 140 17.05 -2.95 11.69
N ILE C 141 16.83 -4.27 11.81
CA ILE C 141 16.04 -5.03 10.88
C ILE C 141 15.04 -5.89 11.63
N ASN C 142 13.77 -5.66 11.39
CA ASN C 142 12.72 -6.41 12.02
C ASN C 142 12.23 -7.50 11.10
N VAL C 143 12.07 -8.72 11.57
CA VAL C 143 11.64 -9.79 10.73
C VAL C 143 10.24 -10.15 11.17
N ALA C 144 9.29 -10.06 10.25
CA ALA C 144 7.86 -10.21 10.49
C ALA C 144 7.19 -11.24 9.58
N SER C 145 7.00 -12.48 10.00
CA SER C 145 6.39 -13.45 9.06
C SER C 145 4.98 -13.00 8.61
N VAL C 146 4.70 -13.00 7.30
CA VAL C 146 3.32 -13.27 6.83
C VAL C 146 3.10 -14.73 7.21
N VAL C 147 2.28 -14.98 8.24
CA VAL C 147 2.09 -16.31 8.85
C VAL C 147 0.64 -16.75 8.76
N GLY C 154 -7.43 -17.49 11.78
CA GLY C 154 -7.64 -16.76 13.00
C GLY C 154 -6.34 -16.14 13.44
N GLN C 155 -6.03 -14.97 12.90
CA GLN C 155 -4.78 -14.30 13.14
C GLN C 155 -4.85 -12.80 13.37
N ALA C 156 -6.00 -12.27 13.80
CA ALA C 156 -6.12 -10.83 13.91
C ALA C 156 -5.08 -10.24 14.86
N ASN C 157 -4.74 -10.94 15.95
CA ASN C 157 -3.67 -10.47 16.84
C ASN C 157 -2.32 -10.43 16.17
N TYR C 158 -1.98 -11.48 15.46
CA TYR C 158 -0.67 -11.52 14.80
C TYR C 158 -0.64 -10.38 13.75
N ALA C 159 -1.75 -10.19 13.05
CA ALA C 159 -1.82 -9.19 11.94
C ALA C 159 -1.65 -7.79 12.49
N ALA C 160 -2.35 -7.50 13.58
CA ALA C 160 -2.21 -6.20 14.22
C ALA C 160 -0.79 -5.94 14.59
N ALA C 161 -0.16 -6.91 15.26
CA ALA C 161 1.21 -6.68 15.75
C ALA C 161 2.18 -6.51 14.60
N LYS C 162 2.03 -7.31 13.56
CA LYS C 162 2.90 -7.21 12.42
C LYS C 162 2.73 -5.81 11.73
N ALA C 163 1.49 -5.38 11.50
CA ALA C 163 1.24 -4.06 10.89
C ALA C 163 1.81 -2.98 11.81
N GLY C 164 1.70 -3.18 13.10
CA GLY C 164 2.30 -2.22 14.03
C GLY C 164 3.81 -2.12 13.88
N VAL C 165 4.46 -3.25 13.70
CA VAL C 165 5.95 -3.28 13.60
C VAL C 165 6.32 -2.49 12.34
N ILE C 166 5.52 -2.65 11.29
CA ILE C 166 5.79 -1.92 10.04
C ILE C 166 5.58 -0.41 10.24
N GLY C 167 4.50 -0.03 10.93
CA GLY C 167 4.25 1.42 11.25
C GLY C 167 5.37 1.99 12.09
N PHE C 168 5.78 1.23 13.10
CA PHE C 168 6.91 1.66 13.95
C PHE C 168 8.17 1.84 13.08
N THR C 169 8.36 0.94 12.15
CA THR C 169 9.58 0.95 11.37
C THR C 169 9.69 2.21 10.53
N LYS C 170 8.60 2.54 9.88
CA LYS C 170 8.59 3.74 9.00
C LYS C 170 8.78 4.99 9.80
N SER C 171 8.12 5.03 10.93
CA SER C 171 8.16 6.23 11.74
C SER C 171 9.54 6.42 12.39
N MET C 172 10.11 5.36 12.90
CA MET C 172 11.43 5.45 13.50
C MET C 172 12.52 5.72 12.50
N ALA C 173 12.39 5.11 11.36
CA ALA C 173 13.35 5.35 10.31
C ALA C 173 13.52 6.82 10.06
N ARG C 174 12.38 7.54 10.03
CA ARG C 174 12.38 8.99 9.77
C ARG C 174 13.14 9.75 10.86
N GLU C 175 13.03 9.35 12.13
CA GLU C 175 13.72 10.09 13.17
C GLU C 175 15.21 9.90 13.13
N VAL C 176 15.69 8.75 12.67
CA VAL C 176 17.08 8.42 12.95
C VAL C 176 17.93 8.41 11.70
N ALA C 177 17.30 8.62 10.56
CA ALA C 177 18.01 8.51 9.31
C ALA C 177 19.17 9.45 9.21
N SER C 178 18.98 10.68 9.66
CA SER C 178 20.02 11.68 9.47
C SER C 178 21.24 11.37 10.35
N ARG C 179 21.12 10.46 11.30
CA ARG C 179 22.30 10.01 12.09
C ARG C 179 22.91 8.67 11.62
N GLY C 180 22.63 8.22 10.39
CA GLY C 180 23.31 7.05 9.80
C GLY C 180 22.77 5.68 10.24
N VAL C 181 21.57 5.65 10.79
CA VAL C 181 20.93 4.42 11.19
C VAL C 181 19.77 4.13 10.31
N THR C 182 19.68 2.90 9.78
CA THR C 182 18.55 2.52 8.94
C THR C 182 17.70 1.58 9.72
N VAL C 183 16.40 1.63 9.44
CA VAL C 183 15.44 0.79 10.10
C VAL C 183 14.52 0.21 9.05
N ASN C 184 14.54 -1.11 8.89
CA ASN C 184 13.78 -1.81 7.89
C ASN C 184 13.11 -3.08 8.43
N THR C 185 12.19 -3.63 7.64
CA THR C 185 11.53 -4.88 7.94
C THR C 185 11.71 -5.82 6.78
N VAL C 186 11.92 -7.10 7.07
CA VAL C 186 11.84 -8.16 6.08
C VAL C 186 10.59 -8.98 6.38
N ALA C 187 9.77 -9.19 5.36
CA ALA C 187 8.49 -9.87 5.53
C ALA C 187 8.49 -11.20 4.77
N PRO C 188 8.79 -12.30 5.48
CA PRO C 188 8.80 -13.58 4.80
C PRO C 188 7.42 -14.01 4.41
N GLY C 189 7.30 -14.77 3.33
CA GLY C 189 6.06 -15.51 3.05
C GLY C 189 6.08 -16.88 3.74
N PHE C 190 5.71 -17.94 3.00
CA PHE C 190 5.75 -19.30 3.53
C PHE C 190 7.15 -19.88 3.41
N ILE C 191 7.77 -20.12 4.55
CA ILE C 191 9.14 -20.62 4.61
C ILE C 191 9.16 -22.01 5.23
N GLU C 192 10.06 -22.85 4.72
CA GLU C 192 10.23 -24.20 5.20
C GLU C 192 10.83 -24.18 6.59
N THR C 193 10.06 -24.64 7.56
CA THR C 193 10.49 -24.72 8.94
C THR C 193 10.14 -26.07 9.48
N ASP C 194 10.54 -26.31 10.73
CA ASP C 194 10.13 -27.53 11.42
C ASP C 194 8.61 -27.71 11.37
N MET C 195 7.85 -26.61 11.53
CA MET C 195 6.38 -26.66 11.50
C MET C 195 5.83 -27.09 10.14
N THR C 196 6.37 -26.53 9.06
CA THR C 196 5.92 -26.96 7.73
C THR C 196 6.34 -28.40 7.41
N LYS C 197 7.54 -28.80 7.79
CA LYS C 197 8.00 -30.17 7.58
C LYS C 197 7.03 -31.21 8.21
N ALA C 198 6.36 -30.83 9.29
CA ALA C 198 5.46 -31.76 10.02
C ALA C 198 4.08 -31.92 9.42
N LEU C 199 3.70 -31.04 8.49
CA LEU C 199 2.40 -31.14 7.83
C LEU C 199 2.35 -32.34 6.91
N ASN C 200 1.14 -32.83 6.63
CA ASN C 200 0.94 -33.92 5.68
C ASN C 200 1.04 -33.40 4.26
N ASP C 201 1.13 -34.32 3.30
CA ASP C 201 1.36 -33.95 1.91
C ASP C 201 0.19 -33.20 1.29
N GLU C 202 -1.04 -33.54 1.69
CA GLU C 202 -2.21 -32.81 1.22
C GLU C 202 -2.18 -31.36 1.69
N GLN C 203 -1.74 -31.13 2.93
CA GLN C 203 -1.66 -29.77 3.47
C GLN C 203 -0.53 -28.96 2.82
N ARG C 204 0.60 -29.60 2.56
CA ARG C 204 1.69 -28.95 1.82
C ARG C 204 1.26 -28.50 0.43
N THR C 205 0.67 -29.42 -0.33
CA THR C 205 0.16 -29.06 -1.66
C THR C 205 -0.85 -27.92 -1.57
N ALA C 206 -1.69 -27.90 -0.54
CA ALA C 206 -2.67 -26.81 -0.39
C ALA C 206 -2.00 -25.47 -0.16
N THR C 207 -1.03 -25.42 0.75
CA THR C 207 -0.30 -24.18 1.00
C THR C 207 0.50 -23.69 -0.22
N LEU C 208 1.15 -24.61 -0.93
CA LEU C 208 1.83 -24.19 -2.15
C LEU C 208 0.92 -23.67 -3.25
N ALA C 209 -0.36 -24.03 -3.24
CA ALA C 209 -1.30 -23.48 -4.21
C ALA C 209 -1.38 -21.96 -4.09
N GLN C 210 -1.07 -21.43 -2.90
CA GLN C 210 -1.09 -20.00 -2.66
C GLN C 210 0.18 -19.26 -3.18
N VAL C 211 1.20 -20.02 -3.55
CA VAL C 211 2.51 -19.46 -3.89
C VAL C 211 2.90 -19.65 -5.37
N PRO C 212 3.00 -18.55 -6.13
CA PRO C 212 3.25 -18.72 -7.56
C PRO C 212 4.57 -19.35 -7.85
N ALA C 213 5.56 -19.13 -7.02
CA ALA C 213 6.84 -19.81 -7.26
C ALA C 213 6.72 -21.35 -7.11
N GLY C 214 5.67 -21.82 -6.46
CA GLY C 214 5.41 -23.26 -6.37
C GLY C 214 6.35 -24.05 -5.44
N ARG C 215 7.02 -23.36 -4.53
CA ARG C 215 7.83 -24.00 -3.48
C ARG C 215 7.82 -23.07 -2.29
N LEU C 216 8.20 -23.59 -1.15
CA LEU C 216 8.41 -22.80 0.02
C LEU C 216 9.77 -22.13 -0.09
N GLY C 217 9.93 -21.02 0.61
CA GLY C 217 11.21 -20.35 0.70
C GLY C 217 12.11 -21.08 1.67
N ASP C 218 13.39 -20.88 1.52
CA ASP C 218 14.36 -21.43 2.43
C ASP C 218 14.70 -20.41 3.48
N PRO C 219 14.92 -20.83 4.74
CA PRO C 219 15.42 -19.88 5.72
C PRO C 219 16.62 -19.09 5.26
N ARG C 220 17.53 -19.67 4.48
CA ARG C 220 18.69 -18.89 3.97
C ARG C 220 18.30 -17.70 3.09
N GLU C 221 17.16 -17.79 2.43
CA GLU C 221 16.70 -16.73 1.52
C GLU C 221 16.18 -15.52 2.33
N ILE C 222 15.62 -15.76 3.50
CA ILE C 222 15.38 -14.67 4.41
C ILE C 222 16.71 -14.11 4.95
N ALA C 223 17.65 -14.98 5.26
CA ALA C 223 18.94 -14.51 5.78
C ALA C 223 19.63 -13.59 4.79
N SER C 224 19.62 -13.97 3.53
CA SER C 224 20.22 -13.13 2.47
C SER C 224 19.66 -11.73 2.43
N ALA C 225 18.35 -11.64 2.55
CA ALA C 225 17.70 -10.34 2.52
C ALA C 225 18.16 -9.51 3.73
N VAL C 226 18.18 -10.13 4.90
CA VAL C 226 18.64 -9.47 6.11
C VAL C 226 20.10 -9.02 5.97
N ALA C 227 20.99 -9.91 5.53
CA ALA C 227 22.39 -9.56 5.36
C ALA C 227 22.59 -8.41 4.37
N PHE C 228 21.77 -8.34 3.34
CA PHE C 228 21.89 -7.25 2.36
C PHE C 228 21.54 -5.91 3.01
N LEU C 229 20.40 -5.86 3.68
CA LEU C 229 20.00 -4.66 4.34
C LEU C 229 21.01 -4.27 5.43
N ALA C 230 21.63 -5.25 6.06
CA ALA C 230 22.57 -4.95 7.12
C ALA C 230 23.90 -4.43 6.61
N SER C 231 24.12 -4.49 5.31
CA SER C 231 25.44 -4.15 4.80
C SER C 231 25.58 -2.65 4.53
N PRO C 232 26.85 -2.16 4.40
CA PRO C 232 27.15 -0.80 3.98
C PRO C 232 26.48 -0.40 2.65
N GLU C 233 26.29 -1.34 1.75
CA GLU C 233 25.71 -1.07 0.46
C GLU C 233 24.19 -0.84 0.50
N ALA C 234 23.58 -0.85 1.68
CA ALA C 234 22.14 -0.61 1.79
C ALA C 234 21.94 0.63 2.61
N ALA C 235 22.96 1.47 2.66
CA ALA C 235 22.90 2.65 3.53
C ALA C 235 21.76 3.66 3.14
N TYR C 236 21.27 3.61 1.90
CA TYR C 236 20.23 4.55 1.50
C TYR C 236 18.85 3.92 1.54
N ILE C 237 18.75 2.71 2.06
CA ILE C 237 17.47 2.04 2.19
C ILE C 237 17.04 2.09 3.65
N THR C 238 15.92 2.74 3.91
CA THR C 238 15.40 2.79 5.23
C THR C 238 13.90 3.09 5.19
N GLY C 239 13.19 2.63 6.20
CA GLY C 239 11.73 2.75 6.25
C GLY C 239 11.06 1.78 5.30
N GLU C 240 11.83 0.80 4.84
CA GLU C 240 11.34 -0.10 3.79
C GLU C 240 10.90 -1.47 4.36
N THR C 241 9.87 -2.08 3.75
CA THR C 241 9.49 -3.46 3.99
C THR C 241 9.92 -4.27 2.76
N LEU C 242 10.83 -5.23 2.93
CA LEU C 242 11.30 -6.07 1.84
C LEU C 242 10.63 -7.43 1.93
N HIS C 243 9.75 -7.73 0.97
CA HIS C 243 8.95 -8.93 1.01
C HIS C 243 9.69 -10.06 0.29
N VAL C 244 9.72 -11.23 0.90
CA VAL C 244 10.44 -12.36 0.36
C VAL C 244 9.47 -13.51 0.40
N ASN C 245 8.64 -13.63 -0.65
CA ASN C 245 7.48 -14.53 -0.57
C ASN C 245 7.09 -15.28 -1.83
N GLY C 246 7.99 -15.31 -2.82
CA GLY C 246 7.75 -16.08 -4.03
C GLY C 246 6.52 -15.65 -4.81
N GLY C 247 6.07 -14.41 -4.59
CA GLY C 247 4.96 -13.85 -5.31
C GLY C 247 3.64 -14.00 -4.62
N MET C 248 3.65 -14.45 -3.37
CA MET C 248 2.39 -14.73 -2.70
C MET C 248 1.53 -13.48 -2.49
N TYR C 249 2.10 -12.35 -2.14
CA TYR C 249 1.44 -11.07 -2.50
C TYR C 249 2.30 -10.26 -3.51
N GLN D 6 31.51 -17.17 -3.28
CA GLN D 6 30.34 -17.63 -4.08
C GLN D 6 29.05 -16.81 -3.83
N PHE D 7 29.15 -15.70 -3.08
CA PHE D 7 27.96 -14.96 -2.60
C PHE D 7 27.61 -13.81 -3.53
N MET D 8 26.37 -13.80 -4.02
CA MET D 8 25.88 -12.83 -5.04
C MET D 8 26.75 -12.72 -6.26
N ASN D 9 27.18 -13.86 -6.74
CA ASN D 9 28.12 -13.96 -7.83
C ASN D 9 27.31 -14.15 -9.07
N LEU D 10 27.68 -13.46 -10.15
CA LEU D 10 26.92 -13.54 -11.41
C LEU D 10 27.72 -14.15 -12.57
N GLU D 11 28.85 -14.82 -12.27
CA GLU D 11 29.64 -15.53 -13.30
C GLU D 11 28.71 -16.35 -14.18
N GLY D 12 28.94 -16.26 -15.48
CA GLY D 12 28.20 -17.06 -16.44
C GLY D 12 26.87 -16.48 -16.87
N LYS D 13 26.48 -15.34 -16.31
CA LYS D 13 25.19 -14.76 -16.65
C LYS D 13 25.38 -13.62 -17.61
N VAL D 14 24.42 -13.47 -18.51
CA VAL D 14 24.42 -12.43 -19.52
C VAL D 14 23.36 -11.43 -19.13
N ALA D 15 23.78 -10.18 -18.98
CA ALA D 15 22.91 -9.11 -18.54
C ALA D 15 22.77 -8.08 -19.62
N LEU D 16 21.53 -7.65 -19.85
CA LEU D 16 21.25 -6.52 -20.71
C LEU D 16 20.72 -5.36 -19.88
N VAL D 17 21.43 -4.24 -19.94
CA VAL D 17 21.06 -3.04 -19.20
C VAL D 17 20.76 -1.93 -20.18
N THR D 18 19.49 -1.54 -20.25
CA THR D 18 19.10 -0.52 -21.20
C THR D 18 19.41 0.85 -20.64
N GLY D 19 19.95 1.73 -21.47
CA GLY D 19 20.17 3.09 -21.05
C GLY D 19 21.30 3.21 -20.07
N ALA D 20 22.45 2.69 -20.49
CA ALA D 20 23.63 2.55 -19.62
C ALA D 20 24.72 3.60 -19.84
N SER D 21 24.39 4.73 -20.46
CA SER D 21 25.43 5.69 -20.83
C SER D 21 26.03 6.34 -19.60
N ARG D 22 25.18 6.64 -18.63
CA ARG D 22 25.60 7.44 -17.51
C ARG D 22 24.77 7.14 -16.28
N GLY D 23 25.10 7.86 -15.21
CA GLY D 23 24.43 7.76 -13.92
C GLY D 23 24.10 6.33 -13.47
N ILE D 24 22.82 6.16 -13.20
CA ILE D 24 22.29 4.94 -12.67
C ILE D 24 22.55 3.77 -13.60
N GLY D 25 22.18 3.95 -14.86
CA GLY D 25 22.40 2.92 -15.84
C GLY D 25 23.87 2.48 -15.84
N LYS D 26 24.78 3.44 -15.84
CA LYS D 26 26.19 3.10 -15.96
C LYS D 26 26.65 2.37 -14.70
N ALA D 27 26.22 2.88 -13.55
CA ALA D 27 26.62 2.28 -12.29
C ALA D 27 26.18 0.82 -12.22
N ILE D 28 24.98 0.55 -12.72
CA ILE D 28 24.41 -0.79 -12.74
C ILE D 28 25.24 -1.67 -13.65
N ALA D 29 25.48 -1.20 -14.87
CA ALA D 29 26.26 -2.01 -15.78
C ALA D 29 27.64 -2.35 -15.20
N GLU D 30 28.28 -1.38 -14.57
CA GLU D 30 29.62 -1.59 -14.04
C GLU D 30 29.59 -2.59 -12.90
N LEU D 31 28.60 -2.49 -12.01
CA LEU D 31 28.54 -3.37 -10.87
C LEU D 31 28.25 -4.79 -11.30
N LEU D 32 27.34 -4.97 -12.25
CA LEU D 32 27.07 -6.30 -12.74
C LEU D 32 28.32 -6.92 -13.36
N ALA D 33 29.12 -6.13 -14.08
CA ALA D 33 30.36 -6.63 -14.65
C ALA D 33 31.33 -7.06 -13.53
N GLU D 34 31.43 -6.24 -12.49
CA GLU D 34 32.32 -6.53 -11.39
C GLU D 34 31.89 -7.81 -10.67
N ARG D 35 30.60 -8.10 -10.64
CA ARG D 35 30.13 -9.32 -10.02
C ARG D 35 30.24 -10.55 -10.94
N GLY D 36 30.78 -10.38 -12.14
CA GLY D 36 31.03 -11.52 -13.03
C GLY D 36 30.15 -11.65 -14.27
N ALA D 37 29.12 -10.81 -14.42
CA ALA D 37 28.21 -10.93 -15.56
C ALA D 37 28.92 -10.48 -16.80
N LYS D 38 28.55 -11.07 -17.95
CA LYS D 38 28.88 -10.50 -19.27
C LYS D 38 27.75 -9.49 -19.52
N VAL D 39 28.12 -8.22 -19.72
CA VAL D 39 27.15 -7.14 -19.71
C VAL D 39 27.04 -6.47 -21.07
N ILE D 40 25.80 -6.29 -21.53
CA ILE D 40 25.54 -5.48 -22.72
C ILE D 40 24.75 -4.27 -22.28
N GLY D 41 25.35 -3.09 -22.42
CA GLY D 41 24.67 -1.82 -22.11
C GLY D 41 24.25 -1.15 -23.39
N THR D 42 23.15 -0.42 -23.35
CA THR D 42 22.65 0.28 -24.55
C THR D 42 22.49 1.79 -24.44
N ALA D 43 22.61 2.40 -25.61
CA ALA D 43 22.35 3.82 -25.79
C ALA D 43 21.52 3.98 -27.06
N THR D 44 21.01 5.18 -27.28
CA THR D 44 20.18 5.46 -28.46
C THR D 44 21.00 5.70 -29.72
N SER D 45 22.28 6.03 -29.60
CA SER D 45 23.14 6.30 -30.77
C SER D 45 24.36 5.36 -30.80
N GLU D 46 25.02 5.29 -31.95
CA GLU D 46 26.21 4.42 -32.12
C GLU D 46 27.38 4.88 -31.28
N SER D 47 27.59 6.19 -31.21
CA SER D 47 28.69 6.71 -30.42
C SER D 47 28.41 6.43 -28.95
N GLY D 48 27.14 6.55 -28.55
CA GLY D 48 26.74 6.14 -27.21
C GLY D 48 27.15 4.70 -26.92
N ALA D 49 26.88 3.82 -27.87
CA ALA D 49 27.19 2.41 -27.72
C ALA D 49 28.71 2.18 -27.64
N GLN D 50 29.47 2.96 -28.37
CA GLN D 50 30.93 2.84 -28.36
C GLN D 50 31.52 3.26 -27.01
N ALA D 51 30.96 4.30 -26.40
CA ALA D 51 31.43 4.76 -25.10
C ALA D 51 31.16 3.67 -24.05
N ILE D 52 30.01 3.02 -24.15
CA ILE D 52 29.70 1.92 -23.26
C ILE D 52 30.72 0.77 -23.45
N SER D 53 31.04 0.43 -24.70
CA SER D 53 32.06 -0.59 -24.97
C SER D 53 33.39 -0.22 -24.34
N ASP D 54 33.71 1.07 -24.42
CA ASP D 54 34.95 1.57 -23.87
C ASP D 54 35.06 1.37 -22.34
N TYR D 55 33.98 1.53 -21.59
CA TYR D 55 34.12 1.39 -20.14
C TYR D 55 33.95 -0.05 -19.66
N LEU D 56 33.30 -0.89 -20.46
CA LEU D 56 33.15 -2.29 -20.11
C LEU D 56 34.37 -3.13 -20.50
N GLY D 57 35.11 -2.70 -21.53
CA GLY D 57 36.19 -3.51 -22.09
C GLY D 57 35.83 -4.99 -22.28
N ASP D 58 36.59 -5.87 -21.61
CA ASP D 58 36.42 -7.33 -21.72
C ASP D 58 35.16 -7.87 -21.06
N ASN D 59 34.53 -7.08 -20.20
CA ASN D 59 33.41 -7.61 -19.44
C ASN D 59 32.10 -7.51 -20.19
N GLY D 60 32.12 -6.94 -21.39
CA GLY D 60 30.93 -6.85 -22.21
C GLY D 60 31.09 -5.94 -23.43
N LYS D 61 29.98 -5.32 -23.85
CA LYS D 61 29.98 -4.40 -24.97
C LYS D 61 28.75 -3.52 -24.94
N GLY D 62 28.82 -2.45 -25.72
CA GLY D 62 27.67 -1.57 -25.89
C GLY D 62 26.97 -1.79 -27.23
N MET D 63 25.67 -1.51 -27.25
CA MET D 63 24.88 -1.57 -28.48
C MET D 63 23.87 -0.43 -28.55
N ALA D 64 23.55 -0.02 -29.77
CA ALA D 64 22.52 0.98 -30.02
C ALA D 64 21.15 0.31 -29.98
N LEU D 65 20.23 0.92 -29.23
CA LEU D 65 18.88 0.40 -29.08
C LEU D 65 17.88 1.52 -28.87
N ASN D 66 16.74 1.42 -29.57
CA ASN D 66 15.59 2.27 -29.32
C ASN D 66 14.46 1.36 -28.84
N VAL D 67 14.07 1.58 -27.59
CA VAL D 67 13.14 0.68 -26.91
C VAL D 67 11.71 0.91 -27.34
N THR D 68 11.48 1.95 -28.13
CA THR D 68 10.16 2.13 -28.75
C THR D 68 10.08 1.52 -30.14
N ASN D 69 11.13 0.85 -30.62
CA ASN D 69 11.15 0.28 -31.98
C ASN D 69 11.36 -1.24 -32.00
N PRO D 70 10.29 -2.00 -32.34
CA PRO D 70 10.33 -3.47 -32.35
C PRO D 70 11.49 -4.03 -33.15
N GLU D 71 11.78 -3.40 -34.27
CA GLU D 71 12.88 -3.87 -35.13
C GLU D 71 14.22 -3.71 -34.44
N SER D 72 14.40 -2.59 -33.75
CA SER D 72 15.65 -2.34 -33.05
C SER D 72 15.82 -3.38 -31.93
N ILE D 73 14.74 -3.60 -31.19
CA ILE D 73 14.70 -4.62 -30.15
C ILE D 73 15.10 -5.98 -30.71
N GLU D 74 14.48 -6.36 -31.82
CA GLU D 74 14.71 -7.67 -32.40
C GLU D 74 16.17 -7.83 -32.81
N ALA D 75 16.70 -6.81 -33.44
CA ALA D 75 18.06 -6.86 -33.98
C ALA D 75 19.06 -6.98 -32.84
N VAL D 76 18.82 -6.19 -31.79
CA VAL D 76 19.71 -6.20 -30.65
C VAL D 76 19.70 -7.57 -29.93
N LEU D 77 18.51 -8.13 -29.73
CA LEU D 77 18.45 -9.43 -29.07
C LEU D 77 19.10 -10.53 -29.89
N LYS D 78 18.93 -10.50 -31.21
CA LYS D 78 19.56 -11.49 -32.07
C LYS D 78 21.09 -11.39 -31.93
N ALA D 79 21.61 -10.17 -32.01
CA ALA D 79 23.05 -9.95 -31.92
C ALA D 79 23.60 -10.44 -30.56
N ILE D 80 22.84 -10.20 -29.50
CA ILE D 80 23.25 -10.64 -28.19
C ILE D 80 23.23 -12.15 -28.15
N THR D 81 22.14 -12.73 -28.61
CA THR D 81 22.00 -14.17 -28.59
C THR D 81 23.12 -14.85 -29.38
N ASP D 82 23.41 -14.33 -30.57
CA ASP D 82 24.43 -14.95 -31.43
C ASP D 82 25.79 -14.91 -30.76
N GLU D 83 26.13 -13.78 -30.17
CA GLU D 83 27.48 -13.59 -29.68
C GLU D 83 27.69 -14.12 -28.27
N PHE D 84 26.66 -13.99 -27.43
CA PHE D 84 26.80 -14.31 -25.99
C PHE D 84 25.90 -15.43 -25.46
N GLY D 85 24.84 -15.76 -26.19
CA GLY D 85 23.77 -16.62 -25.64
C GLY D 85 22.66 -15.74 -25.09
N GLY D 86 21.50 -16.30 -24.82
CA GLY D 86 20.34 -15.50 -24.41
C GLY D 86 20.58 -14.60 -23.21
N VAL D 87 19.68 -13.65 -23.00
CA VAL D 87 19.74 -12.74 -21.86
C VAL D 87 19.21 -13.42 -20.61
N ASP D 88 20.02 -13.45 -19.56
CA ASP D 88 19.63 -14.00 -18.26
C ASP D 88 19.07 -12.93 -17.33
N ILE D 89 19.58 -11.73 -17.49
CA ILE D 89 19.23 -10.64 -16.62
C ILE D 89 18.92 -9.43 -17.47
N LEU D 90 17.70 -8.93 -17.35
CA LEU D 90 17.30 -7.74 -18.08
C LEU D 90 17.08 -6.64 -17.07
N VAL D 91 17.80 -5.53 -17.22
CA VAL D 91 17.51 -4.35 -16.41
C VAL D 91 16.94 -3.25 -17.30
N ASN D 92 15.67 -2.92 -17.10
CA ASN D 92 15.00 -1.89 -17.90
C ASN D 92 15.23 -0.57 -17.20
N ASN D 93 16.24 0.18 -17.64
CA ASN D 93 16.55 1.46 -17.05
C ASN D 93 16.27 2.61 -18.02
N ALA D 94 16.19 2.36 -19.32
CA ALA D 94 15.92 3.46 -20.23
C ALA D 94 14.61 4.15 -19.90
N GLY D 95 14.62 5.48 -19.79
CA GLY D 95 13.38 6.25 -19.65
C GLY D 95 13.61 7.73 -19.90
N ILE D 96 12.52 8.51 -19.89
CA ILE D 96 12.56 9.94 -20.11
C ILE D 96 11.58 10.67 -19.18
N THR D 97 11.61 12.01 -19.19
CA THR D 97 10.53 12.83 -18.61
C THR D 97 10.19 13.83 -19.76
N LEU D 101 2.57 19.25 -16.60
CA LEU D 101 1.67 20.34 -16.26
C LEU D 101 0.28 20.14 -16.88
N LEU D 102 -0.57 19.45 -16.12
CA LEU D 102 -1.76 18.85 -16.68
C LEU D 102 -2.69 19.76 -17.47
N MET D 103 -3.00 20.96 -17.01
CA MET D 103 -3.96 21.82 -17.76
C MET D 103 -3.44 22.20 -19.14
N ARG D 104 -2.13 22.01 -19.38
CA ARG D 104 -1.53 22.19 -20.71
C ARG D 104 -0.69 20.98 -21.21
N MET D 105 -0.54 19.87 -20.46
CA MET D 105 0.24 18.70 -20.95
C MET D 105 -0.34 18.15 -22.25
N LYS D 106 0.53 17.92 -23.23
CA LYS D 106 0.05 17.66 -24.58
C LYS D 106 0.00 16.17 -24.86
N GLU D 107 -0.89 15.81 -25.79
CA GLU D 107 -1.06 14.42 -26.22
C GLU D 107 0.27 13.70 -26.46
N GLU D 108 1.18 14.33 -27.20
CA GLU D 108 2.48 13.73 -27.49
C GLU D 108 3.38 13.52 -26.24
N GLU D 109 3.33 14.44 -25.27
CA GLU D 109 4.12 14.26 -24.05
C GLU D 109 3.64 13.01 -23.29
N TRP D 110 2.33 12.89 -23.14
CA TRP D 110 1.69 11.74 -22.53
C TRP D 110 2.07 10.46 -23.28
N SER D 111 1.84 10.39 -24.59
CA SER D 111 2.08 9.12 -25.28
C SER D 111 3.58 8.76 -25.43
N ASP D 112 4.46 9.74 -25.58
CA ASP D 112 5.90 9.44 -25.54
C ASP D 112 6.35 8.81 -24.20
N ILE D 113 5.78 9.27 -23.09
CA ILE D 113 6.10 8.71 -21.77
C ILE D 113 5.56 7.27 -21.66
N MET D 114 4.30 7.07 -22.06
CA MET D 114 3.74 5.73 -22.07
C MET D 114 4.61 4.77 -22.90
N GLU D 115 4.99 5.17 -24.12
CA GLU D 115 5.72 4.28 -25.00
C GLU D 115 7.10 4.05 -24.46
N THR D 116 7.79 5.08 -24.03
CA THR D 116 9.18 4.94 -23.65
C THR D 116 9.39 4.30 -22.26
N ASN D 117 8.50 4.59 -21.32
CA ASN D 117 8.71 4.17 -19.92
C ASN D 117 7.85 2.98 -19.50
N LEU D 118 6.81 2.65 -20.25
CA LEU D 118 5.86 1.57 -19.82
C LEU D 118 5.72 0.47 -20.85
N THR D 119 5.35 0.83 -22.08
CA THR D 119 5.25 -0.15 -23.14
C THR D 119 6.57 -0.80 -23.47
N SER D 120 7.66 -0.05 -23.31
CA SER D 120 8.99 -0.62 -23.52
C SER D 120 9.26 -1.78 -22.59
N ILE D 121 8.77 -1.67 -21.36
CA ILE D 121 8.91 -2.73 -20.36
C ILE D 121 8.21 -3.99 -20.82
N PHE D 122 6.99 -3.81 -21.28
CA PHE D 122 6.23 -4.90 -21.82
C PHE D 122 6.97 -5.56 -22.99
N ARG D 123 7.40 -4.78 -23.97
CA ARG D 123 8.06 -5.37 -25.13
C ARG D 123 9.37 -6.09 -24.81
N LEU D 124 10.27 -5.42 -24.11
CA LEU D 124 11.54 -6.03 -23.84
C LEU D 124 11.32 -7.26 -22.98
N SER D 125 10.42 -7.14 -22.00
CA SER D 125 10.21 -8.25 -21.07
C SER D 125 9.73 -9.45 -21.86
N LYS D 126 8.74 -9.25 -22.72
CA LYS D 126 8.21 -10.35 -23.49
C LYS D 126 9.25 -10.95 -24.45
N ALA D 127 10.10 -10.11 -25.02
CA ALA D 127 11.11 -10.63 -25.91
C ALA D 127 12.19 -11.48 -25.19
N VAL D 128 12.45 -11.27 -23.91
CA VAL D 128 13.47 -12.10 -23.25
C VAL D 128 12.90 -13.26 -22.49
N LEU D 129 11.58 -13.32 -22.36
CA LEU D 129 10.99 -14.26 -21.42
C LEU D 129 11.08 -15.72 -21.83
N ARG D 130 10.78 -15.99 -23.09
CA ARG D 130 10.88 -17.36 -23.60
C ARG D 130 12.25 -17.98 -23.30
N GLY D 131 13.35 -17.30 -23.59
CA GLY D 131 14.68 -17.86 -23.32
C GLY D 131 14.87 -18.13 -21.83
N MET D 132 14.39 -17.21 -21.00
CA MET D 132 14.53 -17.35 -19.57
C MET D 132 13.71 -18.55 -19.07
N MET D 133 12.49 -18.69 -19.55
CA MET D 133 11.64 -19.80 -19.12
C MET D 133 12.16 -21.13 -19.62
N LYS D 134 12.71 -21.19 -20.83
CA LYS D 134 13.36 -22.44 -21.27
C LYS D 134 14.51 -22.82 -20.34
N LYS D 135 15.31 -21.86 -19.85
CA LYS D 135 16.42 -22.19 -18.93
C LYS D 135 15.93 -22.42 -17.52
N ARG D 136 14.68 -22.05 -17.23
CA ARG D 136 14.14 -22.13 -15.86
C ARG D 136 14.89 -21.23 -14.86
N GLN D 137 15.42 -20.12 -15.34
CA GLN D 137 16.23 -19.20 -14.54
C GLN D 137 16.22 -17.82 -15.23
N GLY D 138 15.88 -16.76 -14.52
CA GLY D 138 15.84 -15.42 -15.11
C GLY D 138 15.59 -14.31 -14.11
N ARG D 139 15.98 -13.10 -14.50
CA ARG D 139 15.80 -11.91 -13.68
C ARG D 139 15.38 -10.78 -14.59
N ILE D 140 14.26 -10.15 -14.25
CA ILE D 140 13.89 -8.88 -14.86
C ILE D 140 13.73 -7.86 -13.75
N ILE D 141 14.43 -6.74 -13.90
CA ILE D 141 14.41 -5.68 -12.91
C ILE D 141 14.13 -4.35 -13.61
N ASN D 142 13.04 -3.72 -13.22
CA ASN D 142 12.68 -2.45 -13.77
C ASN D 142 13.14 -1.37 -12.84
N VAL D 143 13.78 -0.33 -13.37
CA VAL D 143 14.22 0.76 -12.53
C VAL D 143 13.32 1.92 -12.84
N ALA D 144 12.60 2.39 -11.85
CA ALA D 144 11.58 3.43 -12.00
C ALA D 144 11.98 4.63 -11.19
N SER D 145 12.82 5.47 -11.76
CA SER D 145 13.25 6.71 -11.13
C SER D 145 12.11 7.74 -11.16
N GLN D 155 3.95 16.33 -13.69
CA GLN D 155 4.53 14.99 -13.66
C GLN D 155 3.46 13.86 -13.67
N ALA D 156 2.21 14.20 -13.93
CA ALA D 156 1.13 13.20 -13.90
C ALA D 156 1.35 12.07 -14.93
N ASN D 157 1.96 12.40 -16.09
CA ASN D 157 2.38 11.40 -17.06
C ASN D 157 3.44 10.46 -16.51
N TYR D 158 4.46 10.99 -15.84
CA TYR D 158 5.53 10.11 -15.27
C TYR D 158 4.90 9.19 -14.21
N ALA D 159 3.99 9.73 -13.40
CA ALA D 159 3.41 9.00 -12.29
C ALA D 159 2.55 7.84 -12.77
N ALA D 160 1.73 8.10 -13.75
CA ALA D 160 0.93 7.06 -14.35
C ALA D 160 1.81 5.93 -14.88
N ALA D 161 2.85 6.29 -15.61
CA ALA D 161 3.72 5.27 -16.20
C ALA D 161 4.45 4.47 -15.15
N LYS D 162 4.98 5.15 -14.13
CA LYS D 162 5.67 4.50 -13.06
C LYS D 162 4.72 3.52 -12.36
N ALA D 163 3.51 3.98 -12.03
CA ALA D 163 2.54 3.11 -11.36
C ALA D 163 2.21 1.91 -12.26
N GLY D 164 2.12 2.14 -13.55
CA GLY D 164 1.84 1.08 -14.47
C GLY D 164 2.95 0.05 -14.49
N VAL D 165 4.20 0.51 -14.40
CA VAL D 165 5.33 -0.41 -14.41
C VAL D 165 5.24 -1.32 -13.16
N ILE D 166 4.85 -0.74 -12.04
CA ILE D 166 4.71 -1.52 -10.81
C ILE D 166 3.54 -2.51 -10.91
N GLY D 167 2.39 -2.09 -11.47
CA GLY D 167 1.25 -2.98 -11.75
C GLY D 167 1.64 -4.14 -12.69
N PHE D 168 2.33 -3.81 -13.75
CA PHE D 168 2.84 -4.84 -14.64
C PHE D 168 3.76 -5.79 -13.94
N THR D 169 4.64 -5.24 -13.09
CA THR D 169 5.66 -6.07 -12.43
C THR D 169 5.00 -7.13 -11.53
N LYS D 170 4.01 -6.72 -10.75
CA LYS D 170 3.34 -7.65 -9.84
C LYS D 170 2.62 -8.71 -10.59
N SER D 171 1.97 -8.30 -11.64
CA SER D 171 1.11 -9.20 -12.34
C SER D 171 1.92 -10.25 -13.14
N MET D 172 2.94 -9.78 -13.85
CA MET D 172 3.80 -10.66 -14.59
C MET D 172 4.61 -11.57 -13.70
N ALA D 173 5.07 -11.05 -12.57
CA ALA D 173 5.80 -11.90 -11.63
C ALA D 173 5.01 -13.17 -11.32
N ARG D 174 3.71 -13.01 -11.11
CA ARG D 174 2.85 -14.14 -10.80
C ARG D 174 2.79 -15.18 -11.89
N GLU D 175 2.85 -14.77 -13.13
CA GLU D 175 2.75 -15.74 -14.24
C GLU D 175 3.99 -16.50 -14.47
N VAL D 176 5.13 -15.93 -14.16
CA VAL D 176 6.38 -16.55 -14.55
C VAL D 176 7.19 -17.14 -13.38
N ALA D 177 6.70 -16.96 -12.15
CA ALA D 177 7.45 -17.39 -10.98
C ALA D 177 7.73 -18.88 -10.96
N SER D 178 6.74 -19.67 -11.34
CA SER D 178 6.91 -21.10 -11.25
C SER D 178 7.94 -21.59 -12.27
N ARG D 179 8.34 -20.77 -13.24
CA ARG D 179 9.40 -21.17 -14.17
C ARG D 179 10.78 -20.55 -13.83
N GLY D 180 10.99 -20.11 -12.59
CA GLY D 180 12.33 -19.67 -12.13
C GLY D 180 12.72 -18.26 -12.55
N VAL D 181 11.75 -17.44 -12.93
CA VAL D 181 12.03 -16.06 -13.34
C VAL D 181 11.42 -15.13 -12.30
N THR D 182 12.20 -14.16 -11.83
CA THR D 182 11.66 -13.13 -10.95
C THR D 182 11.56 -11.84 -11.68
N VAL D 183 10.60 -11.05 -11.26
CA VAL D 183 10.33 -9.75 -11.87
C VAL D 183 10.10 -8.75 -10.76
N ASN D 184 10.96 -7.74 -10.68
CA ASN D 184 10.93 -6.76 -9.59
C ASN D 184 11.21 -5.34 -10.07
N THR D 185 10.96 -4.39 -9.21
CA THR D 185 11.23 -3.00 -9.51
C THR D 185 12.09 -2.42 -8.43
N VAL D 186 13.04 -1.60 -8.82
CA VAL D 186 13.74 -0.74 -7.88
C VAL D 186 13.26 0.70 -8.10
N ALA D 187 12.89 1.37 -7.02
CA ALA D 187 12.38 2.72 -7.07
C ALA D 187 13.33 3.71 -6.38
N PRO D 188 14.22 4.34 -7.14
CA PRO D 188 15.11 5.30 -6.52
C PRO D 188 14.37 6.53 -6.00
N GLY D 189 14.92 7.18 -4.98
CA GLY D 189 14.48 8.54 -4.60
C GLY D 189 15.31 9.60 -5.34
N PHE D 190 15.79 10.58 -4.60
CA PHE D 190 16.64 11.63 -5.16
C PHE D 190 18.09 11.18 -5.23
N ILE D 191 18.58 10.98 -6.44
CA ILE D 191 19.91 10.50 -6.66
C ILE D 191 20.76 11.56 -7.31
N GLU D 192 22.02 11.63 -6.92
CA GLU D 192 22.97 12.55 -7.48
C GLU D 192 23.23 12.20 -8.94
N THR D 193 22.80 13.08 -9.82
CA THR D 193 22.96 12.95 -11.29
C THR D 193 23.75 14.16 -11.79
N ASP D 194 24.31 14.09 -13.00
CA ASP D 194 24.83 15.32 -13.64
C ASP D 194 23.72 16.41 -13.62
N MET D 195 22.46 16.01 -13.82
CA MET D 195 21.31 16.94 -13.76
C MET D 195 21.10 17.56 -12.36
N THR D 196 21.17 16.75 -11.30
CA THR D 196 21.02 17.25 -9.94
C THR D 196 22.19 18.16 -9.55
N LYS D 197 23.41 17.81 -9.95
CA LYS D 197 24.57 18.65 -9.65
C LYS D 197 24.45 20.06 -10.22
N ALA D 198 23.71 20.21 -11.32
CA ALA D 198 23.60 21.51 -12.01
C ALA D 198 22.60 22.45 -11.37
N LEU D 199 21.77 21.95 -10.45
CA LEU D 199 20.87 22.82 -9.69
C LEU D 199 21.65 23.73 -8.76
N ASN D 200 21.05 24.87 -8.40
CA ASN D 200 21.69 25.81 -7.50
C ASN D 200 21.61 25.32 -6.06
N ASP D 201 22.37 25.96 -5.18
CA ASP D 201 22.46 25.49 -3.79
C ASP D 201 21.15 25.68 -3.02
N GLU D 202 20.38 26.73 -3.32
CA GLU D 202 19.07 26.89 -2.69
C GLU D 202 18.13 25.75 -3.08
N GLN D 203 18.19 25.30 -4.34
CA GLN D 203 17.35 24.19 -4.81
C GLN D 203 17.80 22.86 -4.19
N ARG D 204 19.11 22.64 -4.11
CA ARG D 204 19.68 21.46 -3.45
C ARG D 204 19.19 21.36 -1.98
N THR D 205 19.35 22.44 -1.22
CA THR D 205 18.90 22.50 0.17
C THR D 205 17.39 22.20 0.27
N ALA D 206 16.61 22.71 -0.68
CA ALA D 206 15.15 22.48 -0.66
C ALA D 206 14.81 21.01 -0.87
N THR D 207 15.43 20.38 -1.86
CA THR D 207 15.22 18.99 -2.13
C THR D 207 15.62 18.12 -0.93
N LEU D 208 16.78 18.39 -0.34
CA LEU D 208 17.18 17.60 0.78
C LEU D 208 16.27 17.71 1.99
N ALA D 209 15.50 18.79 2.09
CA ALA D 209 14.55 18.92 3.19
C ALA D 209 13.52 17.79 3.14
N GLN D 210 13.32 17.20 1.96
CA GLN D 210 12.35 16.12 1.78
C GLN D 210 12.89 14.75 2.21
N VAL D 211 14.21 14.67 2.44
CA VAL D 211 14.91 13.42 2.61
C VAL D 211 15.46 13.31 4.03
N PRO D 212 14.85 12.46 4.86
CA PRO D 212 15.33 12.30 6.23
C PRO D 212 16.81 11.97 6.31
N ALA D 213 17.34 11.18 5.38
CA ALA D 213 18.78 10.89 5.44
C ALA D 213 19.64 12.15 5.23
N GLY D 214 19.06 13.23 4.70
CA GLY D 214 19.79 14.51 4.56
C GLY D 214 20.90 14.55 3.52
N ARG D 215 20.88 13.64 2.56
CA ARG D 215 21.80 13.64 1.44
C ARG D 215 21.11 12.97 0.27
N LEU D 216 21.66 13.18 -0.91
CA LEU D 216 21.22 12.47 -2.09
C LEU D 216 21.85 11.07 -2.07
N GLY D 217 21.17 10.13 -2.71
CA GLY D 217 21.72 8.84 -2.94
C GLY D 217 22.78 8.87 -4.02
N ASP D 218 23.65 7.88 -4.02
CA ASP D 218 24.62 7.71 -5.05
C ASP D 218 24.11 6.72 -6.08
N PRO D 219 24.44 6.92 -7.35
CA PRO D 219 24.07 5.89 -8.32
C PRO D 219 24.50 4.47 -7.96
N ARG D 220 25.68 4.31 -7.34
CA ARG D 220 26.17 3.01 -6.95
C ARG D 220 25.20 2.33 -5.93
N GLU D 221 24.44 3.10 -5.18
CA GLU D 221 23.51 2.54 -4.22
C GLU D 221 22.30 1.96 -4.92
N ILE D 222 21.89 2.55 -6.04
CA ILE D 222 20.87 1.90 -6.86
C ILE D 222 21.45 0.62 -7.50
N ALA D 223 22.69 0.69 -7.95
CA ALA D 223 23.34 -0.48 -8.56
C ALA D 223 23.36 -1.67 -7.60
N SER D 224 23.69 -1.42 -6.34
CA SER D 224 23.70 -2.46 -5.32
C SER D 224 22.36 -3.15 -5.13
N ALA D 225 21.31 -2.36 -5.10
CA ALA D 225 20.00 -2.93 -5.00
C ALA D 225 19.68 -3.82 -6.19
N VAL D 226 20.02 -3.33 -7.38
CA VAL D 226 19.78 -4.10 -8.59
C VAL D 226 20.58 -5.40 -8.58
N ALA D 227 21.87 -5.30 -8.26
CA ALA D 227 22.74 -6.46 -8.26
C ALA D 227 22.22 -7.51 -7.28
N PHE D 228 21.66 -7.05 -6.17
CA PHE D 228 21.14 -7.99 -5.18
C PHE D 228 19.97 -8.76 -5.75
N LEU D 229 19.00 -8.03 -6.30
CA LEU D 229 17.85 -8.69 -6.85
C LEU D 229 18.21 -9.60 -8.00
N ALA D 230 19.25 -9.23 -8.75
CA ALA D 230 19.67 -10.04 -9.89
C ALA D 230 20.39 -11.34 -9.49
N SER D 231 20.74 -11.51 -8.22
CA SER D 231 21.57 -12.62 -7.82
C SER D 231 20.74 -13.86 -7.51
N PRO D 232 21.39 -15.04 -7.45
CA PRO D 232 20.78 -16.31 -7.00
C PRO D 232 20.18 -16.26 -5.60
N GLU D 233 20.74 -15.45 -4.73
CA GLU D 233 20.22 -15.30 -3.38
C GLU D 233 18.92 -14.47 -3.27
N ALA D 234 18.38 -13.99 -4.39
CA ALA D 234 17.10 -13.26 -4.34
C ALA D 234 16.07 -14.04 -5.07
N ALA D 235 16.27 -15.34 -5.17
CA ALA D 235 15.37 -16.18 -5.98
C ALA D 235 13.91 -16.20 -5.47
N TYR D 236 13.69 -15.89 -4.19
CA TYR D 236 12.32 -15.99 -3.67
C TYR D 236 11.68 -14.62 -3.59
N ILE D 237 12.36 -13.61 -4.14
CA ILE D 237 11.85 -12.26 -4.14
C ILE D 237 11.37 -11.96 -5.52
N THR D 238 10.07 -11.72 -5.64
CA THR D 238 9.49 -11.37 -6.92
C THR D 238 8.17 -10.67 -6.71
N GLY D 239 7.84 -9.81 -7.65
CA GLY D 239 6.66 -8.98 -7.53
C GLY D 239 6.87 -7.83 -6.56
N GLU D 240 8.11 -7.55 -6.26
CA GLU D 240 8.42 -6.60 -5.21
C GLU D 240 8.94 -5.26 -5.77
N THR D 241 8.60 -4.19 -5.09
CA THR D 241 9.21 -2.87 -5.32
C THR D 241 10.19 -2.61 -4.16
N LEU D 242 11.46 -2.49 -4.46
CA LEU D 242 12.44 -2.15 -3.50
C LEU D 242 12.77 -0.64 -3.60
N HIS D 243 12.42 0.12 -2.54
CA HIS D 243 12.63 1.56 -2.54
C HIS D 243 13.99 1.89 -2.00
N VAL D 244 14.70 2.77 -2.69
CA VAL D 244 16.03 3.18 -2.25
C VAL D 244 16.02 4.71 -2.24
N ASN D 245 15.54 5.28 -1.12
CA ASN D 245 15.23 6.69 -1.12
C ASN D 245 15.57 7.46 0.15
N GLY D 246 16.39 6.86 1.03
CA GLY D 246 16.80 7.56 2.25
C GLY D 246 15.67 7.96 3.17
N GLY D 247 14.54 7.28 3.05
CA GLY D 247 13.39 7.52 3.93
C GLY D 247 12.37 8.49 3.40
N MET D 248 12.54 8.92 2.15
CA MET D 248 11.67 9.96 1.59
C MET D 248 10.18 9.64 1.52
N TYR D 249 9.78 8.48 1.04
CA TYR D 249 8.39 8.06 1.30
C TYR D 249 8.39 6.77 2.10
PA NDP E . -18.54 -3.36 -21.78
O1A NDP E . -17.92 -2.90 -23.09
O2A NDP E . -17.66 -4.07 -20.76
O5B NDP E . -19.41 -2.17 -21.09
C5B NDP E . -18.96 -0.86 -20.69
C4B NDP E . -19.25 0.30 -21.66
O4B NDP E . -18.04 0.81 -22.26
C3B NDP E . -20.23 0.08 -22.83
O3B NDP E . -21.39 0.91 -22.69
C2B NDP E . -19.44 0.46 -24.07
O2B NDP E . -20.22 1.07 -25.12
C1B NDP E . -18.37 1.38 -23.54
N9A NDP E . -17.21 1.43 -24.46
C8A NDP E . -16.53 0.39 -24.99
N7A NDP E . -15.53 0.83 -25.80
C5A NDP E . -15.58 2.17 -25.79
C6A NDP E . -14.83 3.27 -26.44
N6A NDP E . -13.81 2.96 -27.27
N1A NDP E . -15.21 4.55 -26.20
C2A NDP E . -16.24 4.83 -25.36
N3A NDP E . -16.99 3.88 -24.71
C4A NDP E . -16.70 2.56 -24.91
O3 NDP E . -19.76 -4.37 -22.12
P2B NDP E . -21.15 0.07 -25.98
O1X NDP E . -21.57 0.85 -27.20
O2X NDP E . -20.19 -1.08 -26.23
O3X NDP E . -22.31 -0.26 -25.06
PA NDP F . -9.54 14.54 21.81
O1A NDP F . -9.66 15.15 23.21
O2A NDP F . -8.16 14.16 21.28
O5B NDP F . -10.53 13.28 21.78
C5B NDP F . -10.32 12.26 22.72
C4B NDP F . -11.64 11.63 23.06
O4B NDP F . -11.32 10.27 23.43
C3B NDP F . -12.32 12.30 24.24
O3B NDP F . -13.76 12.25 24.09
C2B NDP F . -11.85 11.45 25.43
O2B NDP F . -12.76 11.42 26.56
C1B NDP F . -11.65 10.07 24.80
N9A NDP F . -10.63 9.24 25.53
C8A NDP F . -9.30 9.47 25.68
N7A NDP F . -8.73 8.46 26.40
C5A NDP F . -9.71 7.58 26.70
C6A NDP F . -9.83 6.30 27.44
N6A NDP F . -8.74 5.76 28.00
N1A NDP F . -11.04 5.69 27.54
C2A NDP F . -12.16 6.21 26.96
N3A NDP F . -12.12 7.38 26.28
C4A NDP F . -10.96 8.08 26.12
O3 NDP F . -10.39 15.41 20.72
PN NDP F . -9.96 16.84 20.04
O1N NDP F . -11.17 17.25 19.21
O2N NDP F . -8.54 16.77 19.43
O5D NDP F . -9.93 17.79 21.35
P2B NDP F . -12.85 12.71 27.52
O1X NDP F . -13.72 13.67 26.73
O2X NDP F . -11.42 13.21 27.58
O3X NDP F . -13.44 12.22 28.85
PA NDP G . 9.79 -20.51 16.62
O1A NDP G . 8.83 -19.62 15.67
O2A NDP G . 8.90 -21.57 17.24
O5B NDP G . 10.26 -19.40 17.70
C5B NDP G . 11.13 -18.36 17.18
C4B NDP G . 12.14 -17.77 18.17
O4B NDP G . 11.51 -16.82 19.05
C3B NDP G . 12.80 -18.79 19.07
O3B NDP G . 14.23 -18.56 19.02
C2B NDP G . 12.27 -18.47 20.47
O2B NDP G . 13.23 -18.75 21.49
C1B NDP G . 12.03 -16.97 20.37
N9A NDP G . 11.15 -16.41 21.47
C8A NDP G . 9.86 -16.67 21.76
N7A NDP G . 9.44 -15.93 22.84
C5A NDP G . 10.47 -15.19 23.22
C6A NDP G . 10.75 -14.24 24.24
N6A NDP G . 9.79 -13.87 25.12
N1A NDP G . 11.98 -13.68 24.33
C2A NDP G . 12.97 -14.00 23.47
N3A NDP G . 12.78 -14.91 22.52
C4A NDP G . 11.59 -15.51 22.35
O3 NDP G . 11.06 -20.88 15.87
P2B NDP G . 13.53 -20.25 22.06
O1X NDP G . 12.18 -20.93 21.99
O2X NDP G . 13.95 -19.85 23.46
O3X NDP G . 14.54 -20.76 21.07
PA NDP H . 19.76 9.60 -18.01
O1A NDP H . 19.57 10.68 -19.20
O2A NDP H . 21.15 9.70 -17.41
O5B NDP H . 19.68 8.18 -18.74
C5B NDP H . 18.42 7.75 -19.24
C4B NDP H . 18.63 6.89 -20.49
O4B NDP H . 17.44 6.93 -21.28
C3B NDP H . 19.79 7.34 -21.40
O3B NDP H . 20.91 6.41 -21.39
C2B NDP H . 19.14 7.48 -22.77
O2B NDP H . 19.98 7.00 -23.84
C1B NDP H . 17.86 6.69 -22.63
N9A NDP H . 16.73 6.96 -23.56
C8A NDP H . 15.91 8.01 -23.63
N7A NDP H . 14.96 7.80 -24.61
C5A NDP H . 15.18 6.57 -25.14
C6A NDP H . 14.61 5.67 -26.17
N6A NDP H . 13.54 6.02 -26.90
N1A NDP H . 15.19 4.46 -26.38
C2A NDP H . 16.26 4.04 -25.68
N3A NDP H . 16.81 4.80 -24.75
C4A NDP H . 16.34 6.03 -24.43
O3 NDP H . 18.52 9.63 -17.14
P2B NDP H . 20.84 8.14 -24.59
O1X NDP H . 19.78 9.22 -24.72
O2X NDP H . 21.34 7.53 -25.88
O3X NDP H . 21.95 8.50 -23.66
OH2 1PE I . 3.98 -8.50 -1.38
C12 1PE I . 4.83 -7.60 -2.15
C22 1PE I . 4.43 -6.12 -1.94
OH3 1PE I . 3.33 -6.00 -1.04
C13 1PE I . 1.55 -4.54 -0.21
C23 1PE I . 3.01 -4.64 -0.70
OH4 1PE I . 1.47 -4.14 1.17
C14 1PE I . 1.28 -1.74 1.45
C24 1PE I . 0.55 -3.09 1.49
OH5 1PE I . 2.69 -1.95 1.39
C15 1PE I . 4.32 -0.92 -0.03
C25 1PE I . 3.44 -0.74 1.19
OH6 1PE I . 4.00 0.09 -0.99
C16 1PE I . 3.78 -0.72 -3.23
C26 1PE I . 4.71 -0.09 -2.21
OH7 1PE I . 4.59 -1.16 -4.32
#